data_6GS3
# 
_entry.id   6GS3 
# 
_audit_conform.dict_name       mmcif_pdbx.dic 
_audit_conform.dict_version    5.392 
_audit_conform.dict_location   http://mmcif.pdb.org/dictionaries/ascii/mmcif_pdbx.dic 
# 
loop_
_database_2.database_id 
_database_2.database_code 
_database_2.pdbx_database_accession 
_database_2.pdbx_DOI 
PDB   6GS3         pdb_00006gs3 10.2210/pdb6gs3/pdb 
WWPDB D_1200010475 ?            ?                   
# 
loop_
_pdbx_audit_revision_history.ordinal 
_pdbx_audit_revision_history.data_content_type 
_pdbx_audit_revision_history.major_revision 
_pdbx_audit_revision_history.minor_revision 
_pdbx_audit_revision_history.revision_date 
1 'Structure model' 1 0 2019-06-26 
2 'Structure model' 1 1 2019-12-25 
3 'Structure model' 1 2 2021-01-13 
4 'Structure model' 1 3 2021-01-20 
5 'Structure model' 1 4 2024-05-15 
# 
_pdbx_audit_revision_details.ordinal             1 
_pdbx_audit_revision_details.revision_ordinal    1 
_pdbx_audit_revision_details.data_content_type   'Structure model' 
_pdbx_audit_revision_details.provider            repository 
_pdbx_audit_revision_details.type                'Initial release' 
_pdbx_audit_revision_details.description         ? 
_pdbx_audit_revision_details.details             ? 
# 
loop_
_pdbx_audit_revision_group.ordinal 
_pdbx_audit_revision_group.revision_ordinal 
_pdbx_audit_revision_group.data_content_type 
_pdbx_audit_revision_group.group 
1 2 'Structure model' 'Data collection'      
2 3 'Structure model' 'Database references'  
3 3 'Structure model' 'Derived calculations' 
4 4 'Structure model' 'Database references'  
5 5 'Structure model' 'Data collection'      
6 5 'Structure model' 'Database references'  
# 
loop_
_pdbx_audit_revision_category.ordinal 
_pdbx_audit_revision_category.revision_ordinal 
_pdbx_audit_revision_category.data_content_type 
_pdbx_audit_revision_category.category 
1  2 'Structure model' reflns_shell           
2  3 'Structure model' citation               
3  3 'Structure model' citation_author        
4  3 'Structure model' pdbx_struct_conn_angle 
5  3 'Structure model' struct_conn            
6  4 'Structure model' citation               
7  4 'Structure model' citation_author        
8  5 'Structure model' chem_comp_atom         
9  5 'Structure model' chem_comp_bond         
10 5 'Structure model' database_2             
# 
loop_
_pdbx_audit_revision_item.ordinal 
_pdbx_audit_revision_item.revision_ordinal 
_pdbx_audit_revision_item.data_content_type 
_pdbx_audit_revision_item.item 
1  2 'Structure model' '_reflns_shell.percent_possible_all'          
2  3 'Structure model' '_citation.country'                           
3  3 'Structure model' '_citation.journal_abbrev'                    
4  3 'Structure model' '_citation.journal_id_ASTM'                   
5  3 'Structure model' '_citation.journal_id_CSD'                    
6  3 'Structure model' '_citation.journal_id_ISSN'                   
7  3 'Structure model' '_citation.title'                             
8  3 'Structure model' '_citation.year'                              
9  3 'Structure model' '_pdbx_struct_conn_angle.ptnr1_auth_asym_id'  
10 3 'Structure model' '_pdbx_struct_conn_angle.ptnr1_auth_comp_id'  
11 3 'Structure model' '_pdbx_struct_conn_angle.ptnr1_auth_seq_id'   
12 3 'Structure model' '_pdbx_struct_conn_angle.ptnr1_label_asym_id' 
13 3 'Structure model' '_pdbx_struct_conn_angle.ptnr1_label_atom_id' 
14 3 'Structure model' '_pdbx_struct_conn_angle.ptnr1_label_comp_id' 
15 3 'Structure model' '_pdbx_struct_conn_angle.ptnr1_label_seq_id'  
16 3 'Structure model' '_pdbx_struct_conn_angle.ptnr1_symmetry'      
17 3 'Structure model' '_pdbx_struct_conn_angle.ptnr2_auth_seq_id'   
18 3 'Structure model' '_pdbx_struct_conn_angle.ptnr2_label_asym_id' 
19 3 'Structure model' '_pdbx_struct_conn_angle.ptnr2_symmetry'      
20 3 'Structure model' '_pdbx_struct_conn_angle.ptnr3_auth_asym_id'  
21 3 'Structure model' '_pdbx_struct_conn_angle.ptnr3_auth_comp_id'  
22 3 'Structure model' '_pdbx_struct_conn_angle.ptnr3_auth_seq_id'   
23 3 'Structure model' '_pdbx_struct_conn_angle.ptnr3_label_asym_id' 
24 3 'Structure model' '_pdbx_struct_conn_angle.ptnr3_label_comp_id' 
25 3 'Structure model' '_pdbx_struct_conn_angle.ptnr3_label_seq_id'  
26 3 'Structure model' '_pdbx_struct_conn_angle.ptnr3_symmetry'      
27 3 'Structure model' '_pdbx_struct_conn_angle.value'               
28 3 'Structure model' '_struct_conn.pdbx_dist_value'                
29 3 'Structure model' '_struct_conn.ptnr1_auth_asym_id'             
30 3 'Structure model' '_struct_conn.ptnr1_auth_comp_id'             
31 3 'Structure model' '_struct_conn.ptnr1_auth_seq_id'              
32 3 'Structure model' '_struct_conn.ptnr1_label_asym_id'            
33 3 'Structure model' '_struct_conn.ptnr1_label_atom_id'            
34 3 'Structure model' '_struct_conn.ptnr1_label_comp_id'            
35 3 'Structure model' '_struct_conn.ptnr1_label_seq_id'             
36 3 'Structure model' '_struct_conn.ptnr1_symmetry'                 
37 3 'Structure model' '_struct_conn.ptnr2_auth_asym_id'             
38 3 'Structure model' '_struct_conn.ptnr2_auth_comp_id'             
39 3 'Structure model' '_struct_conn.ptnr2_auth_seq_id'              
40 3 'Structure model' '_struct_conn.ptnr2_label_asym_id'            
41 3 'Structure model' '_struct_conn.ptnr2_label_atom_id'            
42 3 'Structure model' '_struct_conn.ptnr2_label_comp_id'            
43 3 'Structure model' '_struct_conn.ptnr2_symmetry'                 
44 4 'Structure model' '_citation.journal_volume'                    
45 4 'Structure model' '_citation.pdbx_database_id_DOI'              
46 4 'Structure model' '_citation.pdbx_database_id_PubMed'           
47 4 'Structure model' '_citation.title'                             
48 4 'Structure model' '_citation_author.identifier_ORCID'           
49 4 'Structure model' '_citation_author.name'                       
50 5 'Structure model' '_database_2.pdbx_DOI'                        
51 5 'Structure model' '_database_2.pdbx_database_accession'         
# 
_pdbx_database_status.status_code                     REL 
_pdbx_database_status.status_code_sf                  REL 
_pdbx_database_status.status_code_mr                  ? 
_pdbx_database_status.entry_id                        6GS3 
_pdbx_database_status.recvd_initial_deposition_date   2018-06-13 
_pdbx_database_status.SG_entry                        N 
_pdbx_database_status.deposit_site                    PDBE 
_pdbx_database_status.process_site                    PDBE 
_pdbx_database_status.status_code_cs                  ? 
_pdbx_database_status.methods_development_category    ? 
_pdbx_database_status.pdb_format_compatible           Y 
_pdbx_database_status.status_code_nmr_data            ? 
# 
loop_
_audit_author.name 
_audit_author.pdbx_ordinal 
_audit_author.identifier_ORCID 
'Landau, M.'          1 0000-0002-1743-3430 
'Tayeb-Fligelman, E.' 2 0000-0001-9318-5400 
'Uson, I.'            3 ?                   
# 
_citation.abstract                  ? 
_citation.abstract_id_CAS           ? 
_citation.book_id_ISBN              ? 
_citation.book_publisher            ? 
_citation.book_publisher_city       ? 
_citation.book_title                ? 
_citation.coordinate_linkage        ? 
_citation.country                   US 
_citation.database_id_Medline       ? 
_citation.details                   ? 
_citation.id                        primary 
_citation.journal_abbrev            Proc.Natl.Acad.Sci.USA 
_citation.journal_id_ASTM           PNASA6 
_citation.journal_id_CSD            0040 
_citation.journal_id_ISSN           1091-6490 
_citation.journal_full              ? 
_citation.journal_issue             ? 
_citation.journal_volume            118 
_citation.language                  ? 
_citation.page_first                ? 
_citation.page_last                 ? 
_citation.title                     
'The amphibian antimicrobial peptide uperin 3.5 is a cross-alpha /cross-beta chameleon functional amyloid.' 
_citation.year                      2021 
_citation.database_id_CSD           ? 
_citation.pdbx_database_id_DOI      10.1073/pnas.2014442118 
_citation.pdbx_database_id_PubMed   33431675 
_citation.unpublished_flag          ? 
# 
loop_
_citation_author.citation_id 
_citation_author.name 
_citation_author.ordinal 
_citation_author.identifier_ORCID 
primary 'Salinas, N.'         1 0000-0002-3511-2243 
primary 'Tayeb-Fligelman, E.' 2 0000-0001-9318-5400 
primary 'Sammito, M.D.'       3 ?                   
primary 'Bloch, D.'           4 ?                   
primary 'Jelinek, R.'         5 ?                   
primary 'Noy, D.'             6 0000-0001-7200-7453 
primary 'Uson, I.'            7 0000-0003-2504-1696 
primary 'Landau, M.'          8 0000-0002-1743-3430 
# 
loop_
_entity.id 
_entity.type 
_entity.src_method 
_entity.pdbx_description 
_entity.formula_weight 
_entity.pdbx_number_of_molecules 
_entity.pdbx_ec 
_entity.pdbx_mutation 
_entity.pdbx_fragment 
_entity.details 
1 polymer     syn Uperin-3.5        1784.173 2  ? ? 'Uperin-3.5 full-length, UNP residues 1-17' ? 
2 non-polymer syn 'THIOCYANATE ION' 58.082   1  ? ? ?                                           ? 
3 non-polymer syn 'POTASSIUM ION'   39.098   2  ? ? ?                                           ? 
4 water       nat water             18.015   16 ? ? ?                                           ? 
# 
_entity_poly.entity_id                      1 
_entity_poly.type                           'polypeptide(L)' 
_entity_poly.nstd_linkage                   no 
_entity_poly.nstd_monomer                   no 
_entity_poly.pdbx_seq_one_letter_code       GVGDLIRKAVSVIKNIV 
_entity_poly.pdbx_seq_one_letter_code_can   GVGDLIRKAVSVIKNIV 
_entity_poly.pdbx_strand_id                 A,B 
_entity_poly.pdbx_target_identifier         ? 
# 
loop_
_pdbx_entity_nonpoly.entity_id 
_pdbx_entity_nonpoly.name 
_pdbx_entity_nonpoly.comp_id 
2 'THIOCYANATE ION' SCN 
3 'POTASSIUM ION'   K   
4 water             HOH 
# 
loop_
_entity_poly_seq.entity_id 
_entity_poly_seq.num 
_entity_poly_seq.mon_id 
_entity_poly_seq.hetero 
1 1  GLY n 
1 2  VAL n 
1 3  GLY n 
1 4  ASP n 
1 5  LEU n 
1 6  ILE n 
1 7  ARG n 
1 8  LYS n 
1 9  ALA n 
1 10 VAL n 
1 11 SER n 
1 12 VAL n 
1 13 ILE n 
1 14 LYS n 
1 15 ASN n 
1 16 ILE n 
1 17 VAL n 
# 
_pdbx_entity_src_syn.entity_id              1 
_pdbx_entity_src_syn.pdbx_src_id            1 
_pdbx_entity_src_syn.pdbx_alt_source_flag   sample 
_pdbx_entity_src_syn.pdbx_beg_seq_num       1 
_pdbx_entity_src_syn.pdbx_end_seq_num       17 
_pdbx_entity_src_syn.organism_scientific    'Uperoleia mjobergii' 
_pdbx_entity_src_syn.organism_common_name   
;Mjoberg's toadlet
;
_pdbx_entity_src_syn.ncbi_taxonomy_id       104954 
_pdbx_entity_src_syn.details                'Uperin-3.5 peptide, synthesized' 
# 
loop_
_chem_comp.id 
_chem_comp.type 
_chem_comp.mon_nstd_flag 
_chem_comp.name 
_chem_comp.pdbx_synonyms 
_chem_comp.formula 
_chem_comp.formula_weight 
ALA 'L-peptide linking' y ALANINE           ? 'C3 H7 N O2'     89.093  
ARG 'L-peptide linking' y ARGININE          ? 'C6 H15 N4 O2 1' 175.209 
ASN 'L-peptide linking' y ASPARAGINE        ? 'C4 H8 N2 O3'    132.118 
ASP 'L-peptide linking' y 'ASPARTIC ACID'   ? 'C4 H7 N O4'     133.103 
GLY 'peptide linking'   y GLYCINE           ? 'C2 H5 N O2'     75.067  
HOH non-polymer         . WATER             ? 'H2 O'           18.015  
ILE 'L-peptide linking' y ISOLEUCINE        ? 'C6 H13 N O2'    131.173 
K   non-polymer         . 'POTASSIUM ION'   ? 'K 1'            39.098  
LEU 'L-peptide linking' y LEUCINE           ? 'C6 H13 N O2'    131.173 
LYS 'L-peptide linking' y LYSINE            ? 'C6 H15 N2 O2 1' 147.195 
SCN non-polymer         . 'THIOCYANATE ION' ? 'C N S -1'       58.082  
SER 'L-peptide linking' y SERINE            ? 'C3 H7 N O3'     105.093 
VAL 'L-peptide linking' y VALINE            ? 'C5 H11 N O2'    117.146 
# 
loop_
_pdbx_poly_seq_scheme.asym_id 
_pdbx_poly_seq_scheme.entity_id 
_pdbx_poly_seq_scheme.seq_id 
_pdbx_poly_seq_scheme.mon_id 
_pdbx_poly_seq_scheme.ndb_seq_num 
_pdbx_poly_seq_scheme.pdb_seq_num 
_pdbx_poly_seq_scheme.auth_seq_num 
_pdbx_poly_seq_scheme.pdb_mon_id 
_pdbx_poly_seq_scheme.auth_mon_id 
_pdbx_poly_seq_scheme.pdb_strand_id 
_pdbx_poly_seq_scheme.pdb_ins_code 
_pdbx_poly_seq_scheme.hetero 
A 1 1  GLY 1  1  1  GLY GLY A . n 
A 1 2  VAL 2  2  2  VAL VAL A . n 
A 1 3  GLY 3  3  3  GLY GLY A . n 
A 1 4  ASP 4  4  4  ASP ASP A . n 
A 1 5  LEU 5  5  5  LEU LEU A . n 
A 1 6  ILE 6  6  6  ILE ILE A . n 
A 1 7  ARG 7  7  7  ARG ARG A . n 
A 1 8  LYS 8  8  8  LYS LYS A . n 
A 1 9  ALA 9  9  9  ALA ALA A . n 
A 1 10 VAL 10 10 10 VAL VAL A . n 
A 1 11 SER 11 11 11 SER SER A . n 
A 1 12 VAL 12 12 12 VAL VAL A . n 
A 1 13 ILE 13 13 13 ILE ILE A . n 
A 1 14 LYS 14 14 14 LYS LYS A . n 
A 1 15 ASN 15 15 15 ASN ASN A . n 
A 1 16 ILE 16 16 16 ILE ILE A . n 
A 1 17 VAL 17 17 17 VAL VAL A . n 
B 1 1  GLY 1  1  1  GLY GLY B . n 
B 1 2  VAL 2  2  2  VAL VAL B . n 
B 1 3  GLY 3  3  3  GLY GLY B . n 
B 1 4  ASP 4  4  4  ASP ASP B . n 
B 1 5  LEU 5  5  5  LEU LEU B . n 
B 1 6  ILE 6  6  6  ILE ILE B . n 
B 1 7  ARG 7  7  7  ARG ARG B . n 
B 1 8  LYS 8  8  8  LYS LYS B . n 
B 1 9  ALA 9  9  9  ALA ALA B . n 
B 1 10 VAL 10 10 10 VAL VAL B . n 
B 1 11 SER 11 11 11 SER SER B . n 
B 1 12 VAL 12 12 12 VAL VAL B . n 
B 1 13 ILE 13 13 13 ILE ILE B . n 
B 1 14 LYS 14 14 14 LYS LYS B . n 
B 1 15 ASN 15 15 15 ASN ASN B . n 
B 1 16 ILE 16 16 16 ILE ILE B . n 
B 1 17 VAL 17 17 17 VAL VAL B . n 
# 
loop_
_pdbx_nonpoly_scheme.asym_id 
_pdbx_nonpoly_scheme.entity_id 
_pdbx_nonpoly_scheme.mon_id 
_pdbx_nonpoly_scheme.ndb_seq_num 
_pdbx_nonpoly_scheme.pdb_seq_num 
_pdbx_nonpoly_scheme.auth_seq_num 
_pdbx_nonpoly_scheme.pdb_mon_id 
_pdbx_nonpoly_scheme.auth_mon_id 
_pdbx_nonpoly_scheme.pdb_strand_id 
_pdbx_nonpoly_scheme.pdb_ins_code 
C 2 SCN 1  101 2  SCN SCN A . 
D 3 K   1  101 1  K   K   B . 
E 3 K   1  102 2  K   K   B . 
F 4 HOH 1  201 14 HOH HOH A . 
F 4 HOH 2  202 6  HOH HOH A . 
F 4 HOH 3  203 20 HOH HOH A . 
F 4 HOH 4  204 11 HOH HOH A . 
F 4 HOH 5  205 12 HOH HOH A . 
F 4 HOH 6  206 5  HOH HOH A . 
F 4 HOH 7  207 3  HOH HOH A . 
F 4 HOH 8  208 18 HOH HOH A . 
F 4 HOH 9  209 13 HOH HOH A . 
F 4 HOH 10 210 17 HOH HOH A . 
F 4 HOH 11 211 19 HOH HOH A . 
G 4 HOH 1  201 9  HOH HOH B . 
G 4 HOH 2  202 10 HOH HOH B . 
G 4 HOH 3  203 15 HOH HOH B . 
G 4 HOH 4  204 8  HOH HOH B . 
G 4 HOH 5  205 16 HOH HOH B . 
# 
loop_
_software.citation_id 
_software.classification 
_software.compiler_name 
_software.compiler_version 
_software.contact_author 
_software.contact_author_email 
_software.date 
_software.description 
_software.dependencies 
_software.hardware 
_software.language 
_software.location 
_software.mods 
_software.name 
_software.os 
_software.os_version 
_software.type 
_software.version 
_software.pdbx_ordinal 
? 'data reduction'  ? ? ? ? ? ? ? ? ? ? ? XDS         ? ? ? .    1 
? 'data scaling'    ? ? ? ? ? ? ? ? ? ? ? XSCALE      ? ? ? .    2 
? refinement        ? ? ? ? ? ? ? ? ? ? ? REFMAC      ? ? ? .    3 
? 'data extraction' ? ? ? ? ? ? ? ? ? ? ? PDB_EXTRACT ? ? ? 3.24 4 
? phasing           ? ? ? ? ? ? ? ? ? ? ? Arcimboldo  ? ? ? .    5 
# 
_cell.angle_alpha                  90.000 
_cell.angle_alpha_esd              ? 
_cell.angle_beta                   106.950 
_cell.angle_beta_esd               ? 
_cell.angle_gamma                  90.000 
_cell.angle_gamma_esd              ? 
_cell.entry_id                     6GS3 
_cell.details                      ? 
_cell.formula_units_Z              ? 
_cell.length_a                     19.700 
_cell.length_a_esd                 ? 
_cell.length_b                     28.440 
_cell.length_b_esd                 ? 
_cell.length_c                     20.320 
_cell.length_c_esd                 ? 
_cell.volume                       ? 
_cell.volume_esd                   ? 
_cell.Z_PDB                        4 
_cell.reciprocal_angle_alpha       ? 
_cell.reciprocal_angle_beta        ? 
_cell.reciprocal_angle_gamma       ? 
_cell.reciprocal_angle_alpha_esd   ? 
_cell.reciprocal_angle_beta_esd    ? 
_cell.reciprocal_angle_gamma_esd   ? 
_cell.reciprocal_length_a          ? 
_cell.reciprocal_length_b          ? 
_cell.reciprocal_length_c          ? 
_cell.reciprocal_length_a_esd      ? 
_cell.reciprocal_length_b_esd      ? 
_cell.reciprocal_length_c_esd      ? 
_cell.pdbx_unique_axis             ? 
# 
_symmetry.entry_id                         6GS3 
_symmetry.cell_setting                     ? 
_symmetry.Int_Tables_number                4 
_symmetry.space_group_name_Hall            ? 
_symmetry.space_group_name_H-M             'P 1 21 1' 
_symmetry.pdbx_full_space_group_name_H-M   ? 
# 
_exptl.absorpt_coefficient_mu     ? 
_exptl.absorpt_correction_T_max   ? 
_exptl.absorpt_correction_T_min   ? 
_exptl.absorpt_correction_type    ? 
_exptl.absorpt_process_details    ? 
_exptl.entry_id                   6GS3 
_exptl.crystals_number            1 
_exptl.details                    ? 
_exptl.method                     'X-RAY DIFFRACTION' 
_exptl.method_details             ? 
# 
_exptl_crystal.colour                      ? 
_exptl_crystal.density_diffrn              ? 
_exptl_crystal.density_Matthews            1.53 
_exptl_crystal.density_method              ? 
_exptl_crystal.density_percent_sol         19.39 
_exptl_crystal.description                 ? 
_exptl_crystal.F_000                       ? 
_exptl_crystal.id                          1 
_exptl_crystal.preparation                 ? 
_exptl_crystal.size_max                    ? 
_exptl_crystal.size_mid                    ? 
_exptl_crystal.size_min                    ? 
_exptl_crystal.size_rad                    ? 
_exptl_crystal.colour_lustre               ? 
_exptl_crystal.colour_modifier             ? 
_exptl_crystal.colour_primary              ? 
_exptl_crystal.density_meas                ? 
_exptl_crystal.density_meas_esd            ? 
_exptl_crystal.density_meas_gt             ? 
_exptl_crystal.density_meas_lt             ? 
_exptl_crystal.density_meas_temp           ? 
_exptl_crystal.density_meas_temp_esd       ? 
_exptl_crystal.density_meas_temp_gt        ? 
_exptl_crystal.density_meas_temp_lt        ? 
_exptl_crystal.pdbx_crystal_image_url      ? 
_exptl_crystal.pdbx_crystal_image_format   ? 
_exptl_crystal.pdbx_mosaicity              ? 
_exptl_crystal.pdbx_mosaicity_esd          ? 
# 
_exptl_crystal_grow.apparatus       ? 
_exptl_crystal_grow.atmosphere      ? 
_exptl_crystal_grow.crystal_id      1 
_exptl_crystal_grow.details         ? 
_exptl_crystal_grow.method          'VAPOR DIFFUSION, HANGING DROP' 
_exptl_crystal_grow.method_ref      ? 
_exptl_crystal_grow.pH              ? 
_exptl_crystal_grow.pressure        ? 
_exptl_crystal_grow.pressure_esd    ? 
_exptl_crystal_grow.seeding         ? 
_exptl_crystal_grow.seeding_ref     ? 
_exptl_crystal_grow.temp            293 
_exptl_crystal_grow.temp_details    ? 
_exptl_crystal_grow.temp_esd        ? 
_exptl_crystal_grow.time            ? 
_exptl_crystal_grow.pdbx_details    
'Reservoir contained 0.1 M KSCN, 0.1 M MES 6.03 pH, 20 %v/v Jeff 600 with cryo-protection of 20% ethylene glycol' 
_exptl_crystal_grow.pdbx_pH_range   ? 
# 
_diffrn.ambient_environment    ? 
_diffrn.ambient_temp           100 
_diffrn.ambient_temp_details   ? 
_diffrn.ambient_temp_esd       ? 
_diffrn.crystal_id             1 
_diffrn.crystal_support        ? 
_diffrn.crystal_treatment      ? 
_diffrn.details                ? 
_diffrn.id                     1 
_diffrn.ambient_pressure       ? 
_diffrn.ambient_pressure_esd   ? 
_diffrn.ambient_pressure_gt    ? 
_diffrn.ambient_pressure_lt    ? 
_diffrn.ambient_temp_gt        ? 
_diffrn.ambient_temp_lt        ? 
# 
_diffrn_detector.details                      ? 
_diffrn_detector.detector                     PIXEL 
_diffrn_detector.diffrn_id                    1 
_diffrn_detector.type                         'DECTRIS EIGER R 4M' 
_diffrn_detector.area_resol_mean              ? 
_diffrn_detector.dtime                        ? 
_diffrn_detector.pdbx_frames_total            ? 
_diffrn_detector.pdbx_collection_time_total   ? 
_diffrn_detector.pdbx_collection_date         2017-04-19 
# 
_diffrn_radiation.collimation                      ? 
_diffrn_radiation.diffrn_id                        1 
_diffrn_radiation.filter_edge                      ? 
_diffrn_radiation.inhomogeneity                    ? 
_diffrn_radiation.monochromator                    ? 
_diffrn_radiation.polarisn_norm                    ? 
_diffrn_radiation.polarisn_ratio                   ? 
_diffrn_radiation.probe                            ? 
_diffrn_radiation.type                             ? 
_diffrn_radiation.xray_symbol                      ? 
_diffrn_radiation.wavelength_id                    1 
_diffrn_radiation.pdbx_monochromatic_or_laue_m_l   M 
_diffrn_radiation.pdbx_wavelength_list             ? 
_diffrn_radiation.pdbx_wavelength                  ? 
_diffrn_radiation.pdbx_diffrn_protocol             'SINGLE WAVELENGTH' 
_diffrn_radiation.pdbx_analyzer                    ? 
_diffrn_radiation.pdbx_scattering_type             x-ray 
# 
_diffrn_radiation_wavelength.id           1 
_diffrn_radiation_wavelength.wavelength   0.9677 
_diffrn_radiation_wavelength.wt           1.0 
# 
_diffrn_source.current                     ? 
_diffrn_source.details                     ? 
_diffrn_source.diffrn_id                   1 
_diffrn_source.power                       ? 
_diffrn_source.size                        ? 
_diffrn_source.source                      SYNCHROTRON 
_diffrn_source.target                      ? 
_diffrn_source.type                        'ESRF BEAMLINE MASSIF-3' 
_diffrn_source.voltage                     ? 
_diffrn_source.take-off_angle              ? 
_diffrn_source.pdbx_wavelength_list        0.9677 
_diffrn_source.pdbx_wavelength             ? 
_diffrn_source.pdbx_synchrotron_beamline   MASSIF-3 
_diffrn_source.pdbx_synchrotron_site       ESRF 
# 
_reflns.B_iso_Wilson_estimate            21.604 
_reflns.entry_id                         6GS3 
_reflns.data_reduction_details           ? 
_reflns.data_reduction_method            ? 
_reflns.d_resolution_high                1.450 
_reflns.d_resolution_low                 19.440 
_reflns.details                          ? 
_reflns.limit_h_max                      ? 
_reflns.limit_h_min                      ? 
_reflns.limit_k_max                      ? 
_reflns.limit_k_min                      ? 
_reflns.limit_l_max                      ? 
_reflns.limit_l_min                      ? 
_reflns.number_all                       ? 
_reflns.number_obs                       3777 
_reflns.observed_criterion               ? 
_reflns.observed_criterion_F_max         ? 
_reflns.observed_criterion_F_min         ? 
_reflns.observed_criterion_I_max         ? 
_reflns.observed_criterion_I_min         ? 
_reflns.observed_criterion_sigma_F       ? 
_reflns.observed_criterion_sigma_I       ? 
_reflns.percent_possible_obs             97.000 
_reflns.R_free_details                   ? 
_reflns.Rmerge_F_all                     ? 
_reflns.Rmerge_F_obs                     ? 
_reflns.Friedel_coverage                 ? 
_reflns.number_gt                        ? 
_reflns.threshold_expression             ? 
_reflns.pdbx_redundancy                  10.636 
_reflns.pdbx_Rmerge_I_obs                0.085 
_reflns.pdbx_Rmerge_I_all                ? 
_reflns.pdbx_Rsym_value                  ? 
_reflns.pdbx_netI_over_av_sigmaI         ? 
_reflns.pdbx_netI_over_sigmaI            15.700 
_reflns.pdbx_res_netI_over_av_sigmaI_2   ? 
_reflns.pdbx_res_netI_over_sigmaI_2      ? 
_reflns.pdbx_chi_squared                 0.987 
_reflns.pdbx_scaling_rejects             ? 
_reflns.pdbx_d_res_high_opt              ? 
_reflns.pdbx_d_res_low_opt               ? 
_reflns.pdbx_d_res_opt_method            ? 
_reflns.phase_calculation_details        ? 
_reflns.pdbx_Rrim_I_all                  0.089 
_reflns.pdbx_Rpim_I_all                  ? 
_reflns.pdbx_d_opt                       ? 
_reflns.pdbx_number_measured_all         ? 
_reflns.pdbx_diffrn_id                   1 
_reflns.pdbx_ordinal                     1 
_reflns.pdbx_CC_half                     0.999 
_reflns.pdbx_R_split                     ? 
# 
loop_
_reflns_shell.d_res_high 
_reflns_shell.d_res_low 
_reflns_shell.meanI_over_sigI_all 
_reflns_shell.meanI_over_sigI_obs 
_reflns_shell.number_measured_all 
_reflns_shell.number_measured_obs 
_reflns_shell.number_possible 
_reflns_shell.number_unique_all 
_reflns_shell.number_unique_obs 
_reflns_shell.percent_possible_all 
_reflns_shell.percent_possible_obs 
_reflns_shell.Rmerge_F_all 
_reflns_shell.Rmerge_F_obs 
_reflns_shell.Rmerge_I_all 
_reflns_shell.Rmerge_I_obs 
_reflns_shell.meanI_over_sigI_gt 
_reflns_shell.meanI_over_uI_all 
_reflns_shell.meanI_over_uI_gt 
_reflns_shell.number_measured_gt 
_reflns_shell.number_unique_gt 
_reflns_shell.percent_possible_gt 
_reflns_shell.Rmerge_F_gt 
_reflns_shell.Rmerge_I_gt 
_reflns_shell.pdbx_redundancy 
_reflns_shell.pdbx_Rsym_value 
_reflns_shell.pdbx_chi_squared 
_reflns_shell.pdbx_netI_over_sigmaI_all 
_reflns_shell.pdbx_netI_over_sigmaI_obs 
_reflns_shell.pdbx_Rrim_I_all 
_reflns_shell.pdbx_Rpim_I_all 
_reflns_shell.pdbx_rejects 
_reflns_shell.pdbx_ordinal 
_reflns_shell.pdbx_diffrn_id 
_reflns_shell.pdbx_CC_half 
_reflns_shell.pdbx_R_split 
1.450 1.490  ? 2.720  ? ? ? ? 266 94.700  ? ? ? ? 0.601 ? ? ? ? ? ? ? ? 7.568  ? ? ? ? 0.648 ? ? 1  1 0.908 ? 
1.490 1.530  ? 3.750  ? ? ? ? 263 91.300  ? ? ? ? 0.518 ? ? ? ? ? ? ? ? 8.380  ? ? ? ? 0.554 ? ? 2  1 0.904 ? 
1.530 1.570  ? 4.880  ? ? ? ? 266 99.300  ? ? ? ? 0.443 ? ? ? ? ? ? ? ? 9.992  ? ? ? ? 0.467 ? ? 3  1 0.950 ? 
1.570 1.620  ? 6.950  ? ? ? ? 244 95.300  ? ? ? ? 0.351 ? ? ? ? ? ? ? ? 11.279 ? ? ? ? 0.368 ? ? 4  1 0.973 ? 
1.620 1.670  ? 8.130  ? ? ? ? 258 95.900  ? ? ? ? 0.300 ? ? ? ? ? ? ? ? 11.678 ? ? ? ? 0.314 ? ? 5  1 0.982 ? 
1.670 1.730  ? 8.730  ? ? ? ? 227 98.700  ? ? ? ? 0.292 ? ? ? ? ? ? ? ? 11.771 ? ? ? ? 0.305 ? ? 6  1 0.977 ? 
1.730 1.800  ? 9.650  ? ? ? ? 232 95.100  ? ? ? ? 0.259 ? ? ? ? ? ? ? ? 11.440 ? ? ? ? 0.271 ? ? 7  1 0.985 ? 
1.800 1.870  ? 11.990 ? ? ? ? 223 98.700  ? ? ? ? 0.190 ? ? ? ? ? ? ? ? 11.628 ? ? ? ? 0.199 ? ? 8  1 0.991 ? 
1.870 1.960  ? 13.210 ? ? ? ? 216 96.400  ? ? ? ? 0.179 ? ? ? ? ? ? ? ? 11.227 ? ? ? ? 0.187 ? ? 9  1 0.993 ? 
1.960 2.050  ? 17.060 ? ? ? ? 210 97.700  ? ? ? ? 0.134 ? ? ? ? ? ? ? ? 11.238 ? ? ? ? 0.141 ? ? 10 1 0.997 ? 
2.050 2.160  ? 20.120 ? ? ? ? 200 98.500  ? ? ? ? 0.105 ? ? ? ? ? ? ? ? 11.040 ? ? ? ? 0.110 ? ? 11 1 0.996 ? 
2.160 2.290  ? 22.280 ? ? ? ? 177 98.300  ? ? ? ? 0.093 ? ? ? ? ? ? ? ? 10.768 ? ? ? ? 0.097 ? ? 12 1 0.997 ? 
2.290 2.450  ? 25.990 ? ? ? ? 179 98.900  ? ? ? ? 0.079 ? ? ? ? ? ? ? ? 10.307 ? ? ? ? 0.083 ? ? 13 1 0.997 ? 
2.450 2.650  ? 26.930 ? ? ? ? 164 98.800  ? ? ? ? 0.080 ? ? ? ? ? ? ? ? 10.171 ? ? ? ? 0.085 ? ? 14 1 0.994 ? 
2.650 2.900  ? 27.940 ? ? ? ? 158 96.900  ? ? ? ? 0.069 ? ? ? ? ? ? ? ? 10.114 ? ? ? ? 0.072 ? ? 15 1 0.998 ? 
2.900 3.240  ? 34.100 ? ? ? ? 136 100.000 ? ? ? ? 0.059 ? ? ? ? ? ? ? ? 11.779 ? ? ? ? 0.062 ? ? 16 1 1.000 ? 
3.240 3.740  ? 37.290 ? ? ? ? 118 100     ? ? ? ? 0.050 ? ? ? ? ? ? ? ? 11.517 ? ? ? ? 0.052 ? ? 17 1 0.999 ? 
3.740 4.590  ? 38.130 ? ? ? ? 106 97.200  ? ? ? ? 0.047 ? ? ? ? ? ? ? ? 11.292 ? ? ? ? 0.050 ? ? 18 1 0.999 ? 
4.590 6.490  ? 35.840 ? ? ? ? 86  98.900  ? ? ? ? 0.040 ? ? ? ? ? ? ? ? 11.174 ? ? ? ? 0.042 ? ? 19 1 1.000 ? 
6.490 19.440 ? 32.410 ? ? ? ? 48  96.000  ? ? ? ? 0.041 ? ? ? ? ? ? ? ? 10.104 ? ? ? ? 0.048 ? ? 20 1 0.999 ? 
# 
_refine.aniso_B[1][1]                            -0.2900 
_refine.aniso_B[1][2]                            0.0000 
_refine.aniso_B[1][3]                            -0.0300 
_refine.aniso_B[2][2]                            -1.1000 
_refine.aniso_B[2][3]                            0.0000 
_refine.aniso_B[3][3]                            1.1900 
_refine.B_iso_max                                43.990 
_refine.B_iso_mean                               14.4610 
_refine.B_iso_min                                8.740 
_refine.correlation_coeff_Fo_to_Fc               0.9640 
_refine.correlation_coeff_Fo_to_Fc_free          0.9360 
_refine.details                                  
'HYDROGENS HAVE BEEN ADDED IN THE RIDING POSITIONS U VALUES      : REFINED INDIVIDUALLY' 
_refine.diff_density_max                         ? 
_refine.diff_density_max_esd                     ? 
_refine.diff_density_min                         ? 
_refine.diff_density_min_esd                     ? 
_refine.diff_density_rms                         ? 
_refine.diff_density_rms_esd                     ? 
_refine.entry_id                                 6GS3 
_refine.pdbx_refine_id                           'X-RAY DIFFRACTION' 
_refine.ls_abs_structure_details                 ? 
_refine.ls_abs_structure_Flack                   ? 
_refine.ls_abs_structure_Flack_esd               ? 
_refine.ls_abs_structure_Rogers                  ? 
_refine.ls_abs_structure_Rogers_esd              ? 
_refine.ls_d_res_high                            1.4500 
_refine.ls_d_res_low                             19.4400 
_refine.ls_extinction_coef                       ? 
_refine.ls_extinction_coef_esd                   ? 
_refine.ls_extinction_expression                 ? 
_refine.ls_extinction_method                     ? 
_refine.ls_goodness_of_fit_all                   ? 
_refine.ls_goodness_of_fit_all_esd               ? 
_refine.ls_goodness_of_fit_obs                   ? 
_refine.ls_goodness_of_fit_obs_esd               ? 
_refine.ls_hydrogen_treatment                    ? 
_refine.ls_matrix_type                           ? 
_refine.ls_number_constraints                    ? 
_refine.ls_number_parameters                     ? 
_refine.ls_number_reflns_all                     ? 
_refine.ls_number_reflns_obs                     3398 
_refine.ls_number_reflns_R_free                  378 
_refine.ls_number_reflns_R_work                  ? 
_refine.ls_number_restraints                     ? 
_refine.ls_percent_reflns_obs                    97.2400 
_refine.ls_percent_reflns_R_free                 10.0000 
_refine.ls_R_factor_all                          ? 
_refine.ls_R_factor_obs                          0.1890 
_refine.ls_R_factor_R_free                       0.2288 
_refine.ls_R_factor_R_free_error                 ? 
_refine.ls_R_factor_R_free_error_details         ? 
_refine.ls_R_factor_R_work                       0.1850 
_refine.ls_R_Fsqd_factor_obs                     ? 
_refine.ls_R_I_factor_obs                        ? 
_refine.ls_redundancy_reflns_all                 ? 
_refine.ls_redundancy_reflns_obs                 ? 
_refine.ls_restrained_S_all                      ? 
_refine.ls_restrained_S_obs                      ? 
_refine.ls_shift_over_esd_max                    ? 
_refine.ls_shift_over_esd_mean                   ? 
_refine.ls_structure_factor_coef                 ? 
_refine.ls_weighting_details                     ? 
_refine.ls_weighting_scheme                      ? 
_refine.ls_wR_factor_all                         ? 
_refine.ls_wR_factor_obs                         ? 
_refine.ls_wR_factor_R_free                      ? 
_refine.ls_wR_factor_R_work                      ? 
_refine.occupancy_max                            ? 
_refine.occupancy_min                            ? 
_refine.solvent_model_details                    ? 
_refine.solvent_model_param_bsol                 ? 
_refine.solvent_model_param_ksol                 ? 
_refine.ls_R_factor_gt                           ? 
_refine.ls_goodness_of_fit_gt                    ? 
_refine.ls_goodness_of_fit_ref                   ? 
_refine.ls_shift_over_su_max                     ? 
_refine.ls_shift_over_su_max_lt                  ? 
_refine.ls_shift_over_su_mean                    ? 
_refine.ls_shift_over_su_mean_lt                 ? 
_refine.pdbx_ls_sigma_I                          ? 
_refine.pdbx_ls_sigma_F                          0.000 
_refine.pdbx_ls_sigma_Fsqd                       ? 
_refine.pdbx_data_cutoff_high_absF               ? 
_refine.pdbx_data_cutoff_high_rms_absF           ? 
_refine.pdbx_data_cutoff_low_absF                ? 
_refine.pdbx_isotropic_thermal_model             ? 
_refine.pdbx_ls_cross_valid_method               THROUGHOUT 
_refine.pdbx_method_to_determine_struct          'AB INITIO PHASING' 
_refine.pdbx_starting_model                      ? 
_refine.pdbx_stereochemistry_target_values       ? 
_refine.pdbx_R_Free_selection_details            RANDOM 
_refine.pdbx_stereochem_target_val_spec_case     ? 
_refine.pdbx_overall_ESU_R                       0.0920 
_refine.pdbx_overall_ESU_R_Free                  0.0990 
_refine.pdbx_solvent_vdw_probe_radii             1.2000 
_refine.pdbx_solvent_ion_probe_radii             0.8000 
_refine.pdbx_solvent_shrinkage_radii             0.8000 
_refine.pdbx_real_space_R                        ? 
_refine.pdbx_density_correlation                 ? 
_refine.pdbx_pd_number_of_powder_patterns        ? 
_refine.pdbx_pd_number_of_points                 ? 
_refine.pdbx_pd_meas_number_of_points            ? 
_refine.pdbx_pd_proc_ls_prof_R_factor            ? 
_refine.pdbx_pd_proc_ls_prof_wR_factor           ? 
_refine.pdbx_pd_Marquardt_correlation_coeff      ? 
_refine.pdbx_pd_Fsqrd_R_factor                   ? 
_refine.pdbx_pd_ls_matrix_band_width             ? 
_refine.pdbx_overall_phase_error                 ? 
_refine.pdbx_overall_SU_R_free_Cruickshank_DPI   ? 
_refine.pdbx_overall_SU_R_free_Blow_DPI          ? 
_refine.pdbx_overall_SU_R_Blow_DPI               ? 
_refine.pdbx_TLS_residual_ADP_flag               ? 
_refine.pdbx_diffrn_id                           1 
_refine.overall_SU_B                             1.7600 
_refine.overall_SU_ML                            0.0660 
_refine.overall_SU_R_Cruickshank_DPI             0.0917 
_refine.overall_SU_R_free                        ? 
_refine.overall_FOM_free_R_set                   ? 
_refine.overall_FOM_work_R_set                   ? 
_refine.pdbx_average_fsc_overall                 ? 
_refine.pdbx_average_fsc_work                    ? 
_refine.pdbx_average_fsc_free                    ? 
# 
_refine_hist.cycle_id                         final 
_refine_hist.pdbx_refine_id                   'X-RAY DIFFRACTION' 
_refine_hist.d_res_high                       1.4500 
_refine_hist.d_res_low                        19.4400 
_refine_hist.pdbx_number_atoms_ligand         5 
_refine_hist.number_atoms_solvent             16 
_refine_hist.number_atoms_total               271 
_refine_hist.pdbx_number_residues_total       34 
_refine_hist.pdbx_B_iso_mean_ligand           28.10 
_refine_hist.pdbx_B_iso_mean_solvent          21.55 
_refine_hist.pdbx_number_atoms_protein        250 
_refine_hist.pdbx_number_atoms_nucleic_acid   0 
# 
loop_
_refine_ls_restr.pdbx_refine_id 
_refine_ls_restr.criterion 
_refine_ls_restr.dev_ideal 
_refine_ls_restr.dev_ideal_target 
_refine_ls_restr.number 
_refine_ls_restr.rejects 
_refine_ls_restr.type 
_refine_ls_restr.weight 
_refine_ls_restr.pdbx_restraint_function 
'X-RAY DIFFRACTION' ? 0.016  0.019  254 ? r_bond_refined_d       ? ? 
'X-RAY DIFFRACTION' ? 0.002  0.020  293 ? r_bond_other_d         ? ? 
'X-RAY DIFFRACTION' ? 1.783  2.013  338 ? r_angle_refined_deg    ? ? 
'X-RAY DIFFRACTION' ? 0.946  3.000  670 ? r_angle_other_deg      ? ? 
'X-RAY DIFFRACTION' ? 4.162  5.000  33  ? r_dihedral_angle_1_deg ? ? 
'X-RAY DIFFRACTION' ? 40.735 23.333 6   ? r_dihedral_angle_2_deg ? ? 
'X-RAY DIFFRACTION' ? 15.579 15.000 52  ? r_dihedral_angle_3_deg ? ? 
'X-RAY DIFFRACTION' ? 6.228  15.000 2   ? r_dihedral_angle_4_deg ? ? 
'X-RAY DIFFRACTION' ? 0.103  0.200  46  ? r_chiral_restr         ? ? 
'X-RAY DIFFRACTION' ? 0.008  0.020  265 ? r_gen_planes_refined   ? ? 
'X-RAY DIFFRACTION' ? 0.002  0.020  41  ? r_gen_planes_other     ? ? 
# 
_refine_ls_shell.pdbx_refine_id                   'X-RAY DIFFRACTION' 
_refine_ls_shell.d_res_high                       1.4500 
_refine_ls_shell.d_res_low                        1.4880 
_refine_ls_shell.number_reflns_all                264 
_refine_ls_shell.number_reflns_obs                ? 
_refine_ls_shell.number_reflns_R_free             26 
_refine_ls_shell.number_reflns_R_work             238 
_refine_ls_shell.percent_reflns_obs               93.6200 
_refine_ls_shell.percent_reflns_R_free            ? 
_refine_ls_shell.R_factor_all                     ? 
_refine_ls_shell.R_factor_obs                     ? 
_refine_ls_shell.R_factor_R_free                  0.2800 
_refine_ls_shell.R_factor_R_free_error            0.0000 
_refine_ls_shell.R_factor_R_work                  0.2440 
_refine_ls_shell.redundancy_reflns_all            ? 
_refine_ls_shell.redundancy_reflns_obs            ? 
_refine_ls_shell.wR_factor_all                    ? 
_refine_ls_shell.wR_factor_obs                    ? 
_refine_ls_shell.wR_factor_R_free                 ? 
_refine_ls_shell.wR_factor_R_work                 ? 
_refine_ls_shell.pdbx_total_number_of_bins_used   20 
_refine_ls_shell.pdbx_phase_error                 ? 
_refine_ls_shell.pdbx_fsc_work                    ? 
_refine_ls_shell.pdbx_fsc_free                    ? 
# 
_struct.entry_id                     6GS3 
_struct.title                        
'Crystal Structure of the Uperin-3.5 peptide from Uperoleia mjobergii forming cross-alpha fibril' 
_struct.pdbx_model_details           'Uperoleia mjobergii' 
_struct.pdbx_formula_weight          ? 
_struct.pdbx_formula_weight_method   ? 
_struct.pdbx_model_type_details      ? 
_struct.pdbx_CASP_flag               N 
# 
_struct_keywords.entry_id        6GS3 
_struct_keywords.text            'cross-alpha, fibril, amyloid-like, mating alpha-helical sheets, PROTEIN FIBRIL' 
_struct_keywords.pdbx_keywords   'PROTEIN FIBRIL' 
# 
loop_
_struct_asym.id 
_struct_asym.pdbx_blank_PDB_chainid_flag 
_struct_asym.pdbx_modified 
_struct_asym.entity_id 
_struct_asym.details 
A N N 1 ? 
B N N 1 ? 
C N N 2 ? 
D N N 3 ? 
E N N 3 ? 
F N N 4 ? 
G N N 4 ? 
# 
_struct_ref.id                         1 
_struct_ref.db_name                    UNP 
_struct_ref.db_code                    UPE35_UPEMJ 
_struct_ref.pdbx_db_accession          P82042 
_struct_ref.pdbx_db_isoform            ? 
_struct_ref.entity_id                  1 
_struct_ref.pdbx_seq_one_letter_code   GVGDLIRKAVSVIKNIV 
_struct_ref.pdbx_align_begin           1 
# 
loop_
_struct_ref_seq.align_id 
_struct_ref_seq.ref_id 
_struct_ref_seq.pdbx_PDB_id_code 
_struct_ref_seq.pdbx_strand_id 
_struct_ref_seq.seq_align_beg 
_struct_ref_seq.pdbx_seq_align_beg_ins_code 
_struct_ref_seq.seq_align_end 
_struct_ref_seq.pdbx_seq_align_end_ins_code 
_struct_ref_seq.pdbx_db_accession 
_struct_ref_seq.db_align_beg 
_struct_ref_seq.pdbx_db_align_beg_ins_code 
_struct_ref_seq.db_align_end 
_struct_ref_seq.pdbx_db_align_end_ins_code 
_struct_ref_seq.pdbx_auth_seq_align_beg 
_struct_ref_seq.pdbx_auth_seq_align_end 
1 1 6GS3 A 1 ? 17 ? P82042 1 ? 17 ? 1 17 
2 1 6GS3 B 1 ? 17 ? P82042 1 ? 17 ? 1 17 
# 
_pdbx_struct_assembly.id                   1 
_pdbx_struct_assembly.details              author_defined_assembly 
_pdbx_struct_assembly.method_details       ? 
_pdbx_struct_assembly.oligomeric_details   octadecameric 
_pdbx_struct_assembly.oligomeric_count     18 
# 
loop_
_pdbx_struct_assembly_gen.assembly_id 
_pdbx_struct_assembly_gen.oper_expression 
_pdbx_struct_assembly_gen.asym_id_list 
1 1 A,B,C,D,E,F,G 
1 2 A,B,C,D,E,F,G 
1 3 A,B,C,D,E,F,G 
1 4 A,B,C,D,E,F,G 
1 5 A,B,C,D,E,F,G 
1 6 A,B,C,D,E,F,G 
1 7 A,B,C,D,E,F,G 
1 8 A,B,C,D,E,F,G 
1 9 A,B,C,D,E,F,G 
# 
_pdbx_struct_assembly_auth_evidence.id                     1 
_pdbx_struct_assembly_auth_evidence.assembly_id            1 
_pdbx_struct_assembly_auth_evidence.experimental_support   microscopy 
_pdbx_struct_assembly_auth_evidence.details                'The fibrils were visualized via TEM and fiber diffraction.' 
# 
loop_
_pdbx_struct_oper_list.id 
_pdbx_struct_oper_list.type 
_pdbx_struct_oper_list.name 
_pdbx_struct_oper_list.symmetry_operation 
_pdbx_struct_oper_list.matrix[1][1] 
_pdbx_struct_oper_list.matrix[1][2] 
_pdbx_struct_oper_list.matrix[1][3] 
_pdbx_struct_oper_list.vector[1] 
_pdbx_struct_oper_list.matrix[2][1] 
_pdbx_struct_oper_list.matrix[2][2] 
_pdbx_struct_oper_list.matrix[2][3] 
_pdbx_struct_oper_list.vector[2] 
_pdbx_struct_oper_list.matrix[3][1] 
_pdbx_struct_oper_list.matrix[3][2] 
_pdbx_struct_oper_list.matrix[3][3] 
_pdbx_struct_oper_list.vector[3] 
1 'identity operation'         1_555 x,y,z   1.0000000000 0.0000000000 0.0000000000 0.0000000000   0.0000000000 1.0000000000 0.0000000000 0.0000000000   0.0000000000 0.0000000000 1.0000000000 0.0000000000   
2 'crystal symmetry operation' 1_955 x+4,y,z 1.0000000000 0.0000000000 0.0000000000 32.7086643247  0.0000000000 1.0000000000 0.0000000000 -20.9678463402 0.0000000000 0.0000000000 1.0000000000 68.5560551516  
3 'crystal symmetry operation' 1_855 x+3,y,z 1.0000000000 0.0000000000 0.0000000000 24.5314982435  0.0000000000 1.0000000000 0.0000000000 -15.7258847552 0.0000000000 0.0000000000 1.0000000000 51.4170413637  
4 'crystal symmetry operation' 1_755 x+2,y,z 1.0000000000 0.0000000000 0.0000000000 16.3543321624  0.0000000000 1.0000000000 0.0000000000 -10.4839231701 0.0000000000 0.0000000000 1.0000000000 34.2780275758  
5 'crystal symmetry operation' 1_655 x+1,y,z 1.0000000000 0.0000000000 0.0000000000 8.1771660812   0.0000000000 1.0000000000 0.0000000000 -5.2419615851  0.0000000000 0.0000000000 1.0000000000 17.1390137879  
6 'crystal symmetry operation' 1_455 x-1,y,z 1.0000000000 0.0000000000 0.0000000000 -8.1771660812  0.0000000000 1.0000000000 0.0000000000 5.2419615851   0.0000000000 0.0000000000 1.0000000000 -17.1390137879 
7 'crystal symmetry operation' 1_355 x-2,y,z 1.0000000000 0.0000000000 0.0000000000 -16.3543321624 0.0000000000 1.0000000000 0.0000000000 10.4839231701  0.0000000000 0.0000000000 1.0000000000 -34.2780275758 
8 'crystal symmetry operation' 1_255 x-3,y,z 1.0000000000 0.0000000000 0.0000000000 -24.5314982435 0.0000000000 1.0000000000 0.0000000000 15.7258847552  0.0000000000 0.0000000000 1.0000000000 -51.4170413637 
9 'crystal symmetry operation' 1_155 x-4,y,z 1.0000000000 0.0000000000 0.0000000000 -32.7086643247 0.0000000000 1.0000000000 0.0000000000 20.9678463402  0.0000000000 0.0000000000 1.0000000000 -68.5560551516 
# 
loop_
_struct_conf.conf_type_id 
_struct_conf.id 
_struct_conf.pdbx_PDB_helix_id 
_struct_conf.beg_label_comp_id 
_struct_conf.beg_label_asym_id 
_struct_conf.beg_label_seq_id 
_struct_conf.pdbx_beg_PDB_ins_code 
_struct_conf.end_label_comp_id 
_struct_conf.end_label_asym_id 
_struct_conf.end_label_seq_id 
_struct_conf.pdbx_end_PDB_ins_code 
_struct_conf.beg_auth_comp_id 
_struct_conf.beg_auth_asym_id 
_struct_conf.beg_auth_seq_id 
_struct_conf.end_auth_comp_id 
_struct_conf.end_auth_asym_id 
_struct_conf.end_auth_seq_id 
_struct_conf.pdbx_PDB_helix_class 
_struct_conf.details 
_struct_conf.pdbx_PDB_helix_length 
HELX_P HELX_P1 AA1 GLY A 1 ? LYS A 14 ? GLY A 1 LYS A 14 1 ? 14 
HELX_P HELX_P2 AA2 VAL B 2 ? LYS B 14 ? VAL B 2 LYS B 14 1 ? 13 
# 
_struct_conf_type.id          HELX_P 
_struct_conf_type.criteria    ? 
_struct_conf_type.reference   ? 
# 
loop_
_struct_conn.id 
_struct_conn.conn_type_id 
_struct_conn.pdbx_leaving_atom_flag 
_struct_conn.pdbx_PDB_id 
_struct_conn.ptnr1_label_asym_id 
_struct_conn.ptnr1_label_comp_id 
_struct_conn.ptnr1_label_seq_id 
_struct_conn.ptnr1_label_atom_id 
_struct_conn.pdbx_ptnr1_label_alt_id 
_struct_conn.pdbx_ptnr1_PDB_ins_code 
_struct_conn.pdbx_ptnr1_standard_comp_id 
_struct_conn.ptnr1_symmetry 
_struct_conn.ptnr2_label_asym_id 
_struct_conn.ptnr2_label_comp_id 
_struct_conn.ptnr2_label_seq_id 
_struct_conn.ptnr2_label_atom_id 
_struct_conn.pdbx_ptnr2_label_alt_id 
_struct_conn.pdbx_ptnr2_PDB_ins_code 
_struct_conn.ptnr1_auth_asym_id 
_struct_conn.ptnr1_auth_comp_id 
_struct_conn.ptnr1_auth_seq_id 
_struct_conn.ptnr2_auth_asym_id 
_struct_conn.ptnr2_auth_comp_id 
_struct_conn.ptnr2_auth_seq_id 
_struct_conn.ptnr2_symmetry 
_struct_conn.pdbx_ptnr3_label_atom_id 
_struct_conn.pdbx_ptnr3_label_seq_id 
_struct_conn.pdbx_ptnr3_label_comp_id 
_struct_conn.pdbx_ptnr3_label_asym_id 
_struct_conn.pdbx_ptnr3_label_alt_id 
_struct_conn.pdbx_ptnr3_PDB_ins_code 
_struct_conn.details 
_struct_conn.pdbx_dist_value 
_struct_conn.pdbx_value_order 
_struct_conn.pdbx_role 
metalc1 metalc ? ? A ASN 15 OD1 ? ? ? 1_555 E K . K ? ? A ASN 15  B K 102 1_556 ? ? ? ? ? ? ? 3.488 ? ? 
metalc2 metalc ? ? F HOH .  O   ? ? ? 1_554 E K . K ? ? A HOH 203 B K 102 1_555 ? ? ? ? ? ? ? 2.355 ? ? 
metalc3 metalc ? ? F HOH .  O   ? ? ? 1_554 E K . K ? ? A HOH 204 B K 102 1_555 ? ? ? ? ? ? ? 2.869 ? ? 
metalc4 metalc ? ? F HOH .  O   ? ? ? 1_554 E K . K ? ? A HOH 208 B K 102 1_555 ? ? ? ? ? ? ? 2.873 ? ? 
metalc5 metalc ? ? F HOH .  O   ? ? ? 2_645 D K . K ? ? A HOH 209 B K 101 1_555 ? ? ? ? ? ? ? 3.035 ? ? 
metalc6 metalc ? ? B LYS 14 O   ? ? ? 1_555 D K . K ? ? B LYS 14  B K 101 1_555 ? ? ? ? ? ? ? 2.490 ? ? 
metalc7 metalc ? ? B VAL 17 O   ? ? ? 1_555 D K . K ? ? B VAL 17  B K 101 1_555 ? ? ? ? ? ? ? 2.370 ? ? 
# 
_struct_conn_type.id          metalc 
_struct_conn_type.criteria    ? 
_struct_conn_type.reference   ? 
# 
loop_
_pdbx_struct_conn_angle.id 
_pdbx_struct_conn_angle.ptnr1_label_atom_id 
_pdbx_struct_conn_angle.ptnr1_label_alt_id 
_pdbx_struct_conn_angle.ptnr1_label_asym_id 
_pdbx_struct_conn_angle.ptnr1_label_comp_id 
_pdbx_struct_conn_angle.ptnr1_label_seq_id 
_pdbx_struct_conn_angle.ptnr1_auth_atom_id 
_pdbx_struct_conn_angle.ptnr1_auth_asym_id 
_pdbx_struct_conn_angle.ptnr1_auth_comp_id 
_pdbx_struct_conn_angle.ptnr1_auth_seq_id 
_pdbx_struct_conn_angle.ptnr1_PDB_ins_code 
_pdbx_struct_conn_angle.ptnr1_symmetry 
_pdbx_struct_conn_angle.ptnr2_label_atom_id 
_pdbx_struct_conn_angle.ptnr2_label_alt_id 
_pdbx_struct_conn_angle.ptnr2_label_asym_id 
_pdbx_struct_conn_angle.ptnr2_label_comp_id 
_pdbx_struct_conn_angle.ptnr2_label_seq_id 
_pdbx_struct_conn_angle.ptnr2_auth_atom_id 
_pdbx_struct_conn_angle.ptnr2_auth_asym_id 
_pdbx_struct_conn_angle.ptnr2_auth_comp_id 
_pdbx_struct_conn_angle.ptnr2_auth_seq_id 
_pdbx_struct_conn_angle.ptnr2_PDB_ins_code 
_pdbx_struct_conn_angle.ptnr2_symmetry 
_pdbx_struct_conn_angle.ptnr3_label_atom_id 
_pdbx_struct_conn_angle.ptnr3_label_alt_id 
_pdbx_struct_conn_angle.ptnr3_label_asym_id 
_pdbx_struct_conn_angle.ptnr3_label_comp_id 
_pdbx_struct_conn_angle.ptnr3_label_seq_id 
_pdbx_struct_conn_angle.ptnr3_auth_atom_id 
_pdbx_struct_conn_angle.ptnr3_auth_asym_id 
_pdbx_struct_conn_angle.ptnr3_auth_comp_id 
_pdbx_struct_conn_angle.ptnr3_auth_seq_id 
_pdbx_struct_conn_angle.ptnr3_PDB_ins_code 
_pdbx_struct_conn_angle.ptnr3_symmetry 
_pdbx_struct_conn_angle.value 
_pdbx_struct_conn_angle.value_esd 
1 OD1 ? A ASN 15 ? A ASN 15  ? 1_555 K ? E K . ? B K 102 ? 1_556 O ? F HOH .  ? A HOH 203 ? 1_554 89.3  ? 
2 OD1 ? A ASN 15 ? A ASN 15  ? 1_555 K ? E K . ? B K 102 ? 1_556 O ? F HOH .  ? A HOH 204 ? 1_554 93.7  ? 
3 O   ? F HOH .  ? A HOH 203 ? 1_554 K ? E K . ? B K 102 ? 1_556 O ? F HOH .  ? A HOH 204 ? 1_554 10.9  ? 
4 OD1 ? A ASN 15 ? A ASN 15  ? 1_555 K ? E K . ? B K 102 ? 1_556 O ? F HOH .  ? A HOH 208 ? 1_554 93.7  ? 
5 O   ? F HOH .  ? A HOH 203 ? 1_554 K ? E K . ? B K 102 ? 1_556 O ? F HOH .  ? A HOH 208 ? 1_554 4.6   ? 
6 O   ? F HOH .  ? A HOH 204 ? 1_554 K ? E K . ? B K 102 ? 1_556 O ? F HOH .  ? A HOH 208 ? 1_554 11.2  ? 
7 O   ? F HOH .  ? A HOH 209 ? 2_645 K ? D K . ? B K 101 ? 1_555 O ? B LYS 14 ? B LYS 14  ? 1_555 71.1  ? 
8 O   ? F HOH .  ? A HOH 209 ? 2_645 K ? D K . ? B K 101 ? 1_555 O ? B VAL 17 ? B VAL 17  ? 1_555 105.0 ? 
9 O   ? B LYS 14 ? B LYS 14  ? 1_555 K ? D K . ? B K 101 ? 1_555 O ? B VAL 17 ? B VAL 17  ? 1_555 128.8 ? 
# 
loop_
_struct_site.id 
_struct_site.pdbx_evidence_code 
_struct_site.pdbx_auth_asym_id 
_struct_site.pdbx_auth_comp_id 
_struct_site.pdbx_auth_seq_id 
_struct_site.pdbx_auth_ins_code 
_struct_site.pdbx_num_residues 
_struct_site.details 
AC1 Software A SCN 101 ? 3 'binding site for residue SCN A 101' 
AC2 Software B K   101 ? 3 'binding site for residue K B 101'   
AC3 Software B K   102 ? 6 'binding site for residue K B 102'   
# 
loop_
_struct_site_gen.id 
_struct_site_gen.site_id 
_struct_site_gen.pdbx_num_res 
_struct_site_gen.label_comp_id 
_struct_site_gen.label_asym_id 
_struct_site_gen.label_seq_id 
_struct_site_gen.pdbx_auth_ins_code 
_struct_site_gen.auth_comp_id 
_struct_site_gen.auth_asym_id 
_struct_site_gen.auth_seq_id 
_struct_site_gen.label_atom_id 
_struct_site_gen.label_alt_id 
_struct_site_gen.symmetry 
_struct_site_gen.details 
1  AC1 3 SER A 11 ? SER A 11  . ? 1_555 ? 
2  AC1 3 LYS A 14 ? LYS A 14  . ? 1_555 ? 
3  AC1 3 SER B 11 ? SER B 11  . ? 1_556 ? 
4  AC2 3 ARG A 7  ? ARG A 7   . ? 1_554 ? 
5  AC2 3 LYS B 14 ? LYS B 14  . ? 1_555 ? 
6  AC2 3 VAL B 17 ? VAL B 17  . ? 1_555 ? 
7  AC3 6 ASN A 15 ? ASN A 15  . ? 1_554 ? 
8  AC3 6 HOH F .  ? HOH A 203 . ? 1_554 ? 
9  AC3 6 HOH F .  ? HOH A 204 . ? 1_554 ? 
10 AC3 6 HOH F .  ? HOH A 208 . ? 1_554 ? 
11 AC3 6 ASP B 4  ? ASP B 4   . ? 1_555 ? 
12 AC3 6 ARG B 7  ? ARG B 7   . ? 1_555 ? 
# 
_phasing.method   MR 
# 
loop_
_chem_comp_atom.comp_id 
_chem_comp_atom.atom_id 
_chem_comp_atom.type_symbol 
_chem_comp_atom.pdbx_aromatic_flag 
_chem_comp_atom.pdbx_stereo_config 
_chem_comp_atom.pdbx_ordinal 
ALA N    N N N 1   
ALA CA   C N S 2   
ALA C    C N N 3   
ALA O    O N N 4   
ALA CB   C N N 5   
ALA OXT  O N N 6   
ALA H    H N N 7   
ALA H2   H N N 8   
ALA HA   H N N 9   
ALA HB1  H N N 10  
ALA HB2  H N N 11  
ALA HB3  H N N 12  
ALA HXT  H N N 13  
ARG N    N N N 14  
ARG CA   C N S 15  
ARG C    C N N 16  
ARG O    O N N 17  
ARG CB   C N N 18  
ARG CG   C N N 19  
ARG CD   C N N 20  
ARG NE   N N N 21  
ARG CZ   C N N 22  
ARG NH1  N N N 23  
ARG NH2  N N N 24  
ARG OXT  O N N 25  
ARG H    H N N 26  
ARG H2   H N N 27  
ARG HA   H N N 28  
ARG HB2  H N N 29  
ARG HB3  H N N 30  
ARG HG2  H N N 31  
ARG HG3  H N N 32  
ARG HD2  H N N 33  
ARG HD3  H N N 34  
ARG HE   H N N 35  
ARG HH11 H N N 36  
ARG HH12 H N N 37  
ARG HH21 H N N 38  
ARG HH22 H N N 39  
ARG HXT  H N N 40  
ASN N    N N N 41  
ASN CA   C N S 42  
ASN C    C N N 43  
ASN O    O N N 44  
ASN CB   C N N 45  
ASN CG   C N N 46  
ASN OD1  O N N 47  
ASN ND2  N N N 48  
ASN OXT  O N N 49  
ASN H    H N N 50  
ASN H2   H N N 51  
ASN HA   H N N 52  
ASN HB2  H N N 53  
ASN HB3  H N N 54  
ASN HD21 H N N 55  
ASN HD22 H N N 56  
ASN HXT  H N N 57  
ASP N    N N N 58  
ASP CA   C N S 59  
ASP C    C N N 60  
ASP O    O N N 61  
ASP CB   C N N 62  
ASP CG   C N N 63  
ASP OD1  O N N 64  
ASP OD2  O N N 65  
ASP OXT  O N N 66  
ASP H    H N N 67  
ASP H2   H N N 68  
ASP HA   H N N 69  
ASP HB2  H N N 70  
ASP HB3  H N N 71  
ASP HD2  H N N 72  
ASP HXT  H N N 73  
GLY N    N N N 74  
GLY CA   C N N 75  
GLY C    C N N 76  
GLY O    O N N 77  
GLY OXT  O N N 78  
GLY H    H N N 79  
GLY H2   H N N 80  
GLY HA2  H N N 81  
GLY HA3  H N N 82  
GLY HXT  H N N 83  
HOH O    O N N 84  
HOH H1   H N N 85  
HOH H2   H N N 86  
ILE N    N N N 87  
ILE CA   C N S 88  
ILE C    C N N 89  
ILE O    O N N 90  
ILE CB   C N S 91  
ILE CG1  C N N 92  
ILE CG2  C N N 93  
ILE CD1  C N N 94  
ILE OXT  O N N 95  
ILE H    H N N 96  
ILE H2   H N N 97  
ILE HA   H N N 98  
ILE HB   H N N 99  
ILE HG12 H N N 100 
ILE HG13 H N N 101 
ILE HG21 H N N 102 
ILE HG22 H N N 103 
ILE HG23 H N N 104 
ILE HD11 H N N 105 
ILE HD12 H N N 106 
ILE HD13 H N N 107 
ILE HXT  H N N 108 
K   K    K N N 109 
LEU N    N N N 110 
LEU CA   C N S 111 
LEU C    C N N 112 
LEU O    O N N 113 
LEU CB   C N N 114 
LEU CG   C N N 115 
LEU CD1  C N N 116 
LEU CD2  C N N 117 
LEU OXT  O N N 118 
LEU H    H N N 119 
LEU H2   H N N 120 
LEU HA   H N N 121 
LEU HB2  H N N 122 
LEU HB3  H N N 123 
LEU HG   H N N 124 
LEU HD11 H N N 125 
LEU HD12 H N N 126 
LEU HD13 H N N 127 
LEU HD21 H N N 128 
LEU HD22 H N N 129 
LEU HD23 H N N 130 
LEU HXT  H N N 131 
LYS N    N N N 132 
LYS CA   C N S 133 
LYS C    C N N 134 
LYS O    O N N 135 
LYS CB   C N N 136 
LYS CG   C N N 137 
LYS CD   C N N 138 
LYS CE   C N N 139 
LYS NZ   N N N 140 
LYS OXT  O N N 141 
LYS H    H N N 142 
LYS H2   H N N 143 
LYS HA   H N N 144 
LYS HB2  H N N 145 
LYS HB3  H N N 146 
LYS HG2  H N N 147 
LYS HG3  H N N 148 
LYS HD2  H N N 149 
LYS HD3  H N N 150 
LYS HE2  H N N 151 
LYS HE3  H N N 152 
LYS HZ1  H N N 153 
LYS HZ2  H N N 154 
LYS HZ3  H N N 155 
LYS HXT  H N N 156 
SCN S    S N N 157 
SCN C    C N N 158 
SCN N    N N N 159 
SER N    N N N 160 
SER CA   C N S 161 
SER C    C N N 162 
SER O    O N N 163 
SER CB   C N N 164 
SER OG   O N N 165 
SER OXT  O N N 166 
SER H    H N N 167 
SER H2   H N N 168 
SER HA   H N N 169 
SER HB2  H N N 170 
SER HB3  H N N 171 
SER HG   H N N 172 
SER HXT  H N N 173 
VAL N    N N N 174 
VAL CA   C N S 175 
VAL C    C N N 176 
VAL O    O N N 177 
VAL CB   C N N 178 
VAL CG1  C N N 179 
VAL CG2  C N N 180 
VAL OXT  O N N 181 
VAL H    H N N 182 
VAL H2   H N N 183 
VAL HA   H N N 184 
VAL HB   H N N 185 
VAL HG11 H N N 186 
VAL HG12 H N N 187 
VAL HG13 H N N 188 
VAL HG21 H N N 189 
VAL HG22 H N N 190 
VAL HG23 H N N 191 
VAL HXT  H N N 192 
# 
loop_
_chem_comp_bond.comp_id 
_chem_comp_bond.atom_id_1 
_chem_comp_bond.atom_id_2 
_chem_comp_bond.value_order 
_chem_comp_bond.pdbx_aromatic_flag 
_chem_comp_bond.pdbx_stereo_config 
_chem_comp_bond.pdbx_ordinal 
ALA N   CA   sing N N 1   
ALA N   H    sing N N 2   
ALA N   H2   sing N N 3   
ALA CA  C    sing N N 4   
ALA CA  CB   sing N N 5   
ALA CA  HA   sing N N 6   
ALA C   O    doub N N 7   
ALA C   OXT  sing N N 8   
ALA CB  HB1  sing N N 9   
ALA CB  HB2  sing N N 10  
ALA CB  HB3  sing N N 11  
ALA OXT HXT  sing N N 12  
ARG N   CA   sing N N 13  
ARG N   H    sing N N 14  
ARG N   H2   sing N N 15  
ARG CA  C    sing N N 16  
ARG CA  CB   sing N N 17  
ARG CA  HA   sing N N 18  
ARG C   O    doub N N 19  
ARG C   OXT  sing N N 20  
ARG CB  CG   sing N N 21  
ARG CB  HB2  sing N N 22  
ARG CB  HB3  sing N N 23  
ARG CG  CD   sing N N 24  
ARG CG  HG2  sing N N 25  
ARG CG  HG3  sing N N 26  
ARG CD  NE   sing N N 27  
ARG CD  HD2  sing N N 28  
ARG CD  HD3  sing N N 29  
ARG NE  CZ   sing N N 30  
ARG NE  HE   sing N N 31  
ARG CZ  NH1  sing N N 32  
ARG CZ  NH2  doub N N 33  
ARG NH1 HH11 sing N N 34  
ARG NH1 HH12 sing N N 35  
ARG NH2 HH21 sing N N 36  
ARG NH2 HH22 sing N N 37  
ARG OXT HXT  sing N N 38  
ASN N   CA   sing N N 39  
ASN N   H    sing N N 40  
ASN N   H2   sing N N 41  
ASN CA  C    sing N N 42  
ASN CA  CB   sing N N 43  
ASN CA  HA   sing N N 44  
ASN C   O    doub N N 45  
ASN C   OXT  sing N N 46  
ASN CB  CG   sing N N 47  
ASN CB  HB2  sing N N 48  
ASN CB  HB3  sing N N 49  
ASN CG  OD1  doub N N 50  
ASN CG  ND2  sing N N 51  
ASN ND2 HD21 sing N N 52  
ASN ND2 HD22 sing N N 53  
ASN OXT HXT  sing N N 54  
ASP N   CA   sing N N 55  
ASP N   H    sing N N 56  
ASP N   H2   sing N N 57  
ASP CA  C    sing N N 58  
ASP CA  CB   sing N N 59  
ASP CA  HA   sing N N 60  
ASP C   O    doub N N 61  
ASP C   OXT  sing N N 62  
ASP CB  CG   sing N N 63  
ASP CB  HB2  sing N N 64  
ASP CB  HB3  sing N N 65  
ASP CG  OD1  doub N N 66  
ASP CG  OD2  sing N N 67  
ASP OD2 HD2  sing N N 68  
ASP OXT HXT  sing N N 69  
GLY N   CA   sing N N 70  
GLY N   H    sing N N 71  
GLY N   H2   sing N N 72  
GLY CA  C    sing N N 73  
GLY CA  HA2  sing N N 74  
GLY CA  HA3  sing N N 75  
GLY C   O    doub N N 76  
GLY C   OXT  sing N N 77  
GLY OXT HXT  sing N N 78  
HOH O   H1   sing N N 79  
HOH O   H2   sing N N 80  
ILE N   CA   sing N N 81  
ILE N   H    sing N N 82  
ILE N   H2   sing N N 83  
ILE CA  C    sing N N 84  
ILE CA  CB   sing N N 85  
ILE CA  HA   sing N N 86  
ILE C   O    doub N N 87  
ILE C   OXT  sing N N 88  
ILE CB  CG1  sing N N 89  
ILE CB  CG2  sing N N 90  
ILE CB  HB   sing N N 91  
ILE CG1 CD1  sing N N 92  
ILE CG1 HG12 sing N N 93  
ILE CG1 HG13 sing N N 94  
ILE CG2 HG21 sing N N 95  
ILE CG2 HG22 sing N N 96  
ILE CG2 HG23 sing N N 97  
ILE CD1 HD11 sing N N 98  
ILE CD1 HD12 sing N N 99  
ILE CD1 HD13 sing N N 100 
ILE OXT HXT  sing N N 101 
LEU N   CA   sing N N 102 
LEU N   H    sing N N 103 
LEU N   H2   sing N N 104 
LEU CA  C    sing N N 105 
LEU CA  CB   sing N N 106 
LEU CA  HA   sing N N 107 
LEU C   O    doub N N 108 
LEU C   OXT  sing N N 109 
LEU CB  CG   sing N N 110 
LEU CB  HB2  sing N N 111 
LEU CB  HB3  sing N N 112 
LEU CG  CD1  sing N N 113 
LEU CG  CD2  sing N N 114 
LEU CG  HG   sing N N 115 
LEU CD1 HD11 sing N N 116 
LEU CD1 HD12 sing N N 117 
LEU CD1 HD13 sing N N 118 
LEU CD2 HD21 sing N N 119 
LEU CD2 HD22 sing N N 120 
LEU CD2 HD23 sing N N 121 
LEU OXT HXT  sing N N 122 
LYS N   CA   sing N N 123 
LYS N   H    sing N N 124 
LYS N   H2   sing N N 125 
LYS CA  C    sing N N 126 
LYS CA  CB   sing N N 127 
LYS CA  HA   sing N N 128 
LYS C   O    doub N N 129 
LYS C   OXT  sing N N 130 
LYS CB  CG   sing N N 131 
LYS CB  HB2  sing N N 132 
LYS CB  HB3  sing N N 133 
LYS CG  CD   sing N N 134 
LYS CG  HG2  sing N N 135 
LYS CG  HG3  sing N N 136 
LYS CD  CE   sing N N 137 
LYS CD  HD2  sing N N 138 
LYS CD  HD3  sing N N 139 
LYS CE  NZ   sing N N 140 
LYS CE  HE2  sing N N 141 
LYS CE  HE3  sing N N 142 
LYS NZ  HZ1  sing N N 143 
LYS NZ  HZ2  sing N N 144 
LYS NZ  HZ3  sing N N 145 
LYS OXT HXT  sing N N 146 
SCN S   C    sing N N 147 
SCN C   N    trip N N 148 
SER N   CA   sing N N 149 
SER N   H    sing N N 150 
SER N   H2   sing N N 151 
SER CA  C    sing N N 152 
SER CA  CB   sing N N 153 
SER CA  HA   sing N N 154 
SER C   O    doub N N 155 
SER C   OXT  sing N N 156 
SER CB  OG   sing N N 157 
SER CB  HB2  sing N N 158 
SER CB  HB3  sing N N 159 
SER OG  HG   sing N N 160 
SER OXT HXT  sing N N 161 
VAL N   CA   sing N N 162 
VAL N   H    sing N N 163 
VAL N   H2   sing N N 164 
VAL CA  C    sing N N 165 
VAL CA  CB   sing N N 166 
VAL CA  HA   sing N N 167 
VAL C   O    doub N N 168 
VAL C   OXT  sing N N 169 
VAL CB  CG1  sing N N 170 
VAL CB  CG2  sing N N 171 
VAL CB  HB   sing N N 172 
VAL CG1 HG11 sing N N 173 
VAL CG1 HG12 sing N N 174 
VAL CG1 HG13 sing N N 175 
VAL CG2 HG21 sing N N 176 
VAL CG2 HG22 sing N N 177 
VAL CG2 HG23 sing N N 178 
VAL OXT HXT  sing N N 179 
# 
_atom_sites.entry_id                    6GS3 
_atom_sites.fract_transf_matrix[1][1]   0.01922030 
_atom_sites.fract_transf_matrix[1][2]   -0.02841709 
_atom_sites.fract_transf_matrix[1][3]   0.04048441 
_atom_sites.fract_transf_matrix[2][1]   -0.03171221 
_atom_sites.fract_transf_matrix[2][2]   0.00018817 
_atom_sites.fract_transf_matrix[2][3]   0.01518771 
_atom_sites.fract_transf_matrix[3][1]   -0.00615250 
_atom_sites.fract_transf_matrix[3][2]   -0.04959149 
_atom_sites.fract_transf_matrix[3][3]   -0.01223213 
_atom_sites.fract_transf_vector[1]      0.755903 
_atom_sites.fract_transf_vector[2]      0.977830 
_atom_sites.fract_transf_vector[3]      -0.004785 
# 
loop_
_atom_type.symbol 
C 
K 
N 
O 
S 
# 
loop_
_atom_site.group_PDB 
_atom_site.id 
_atom_site.type_symbol 
_atom_site.label_atom_id 
_atom_site.label_alt_id 
_atom_site.label_comp_id 
_atom_site.label_asym_id 
_atom_site.label_entity_id 
_atom_site.label_seq_id 
_atom_site.pdbx_PDB_ins_code 
_atom_site.Cartn_x 
_atom_site.Cartn_y 
_atom_site.Cartn_z 
_atom_site.occupancy 
_atom_site.B_iso_or_equiv 
_atom_site.pdbx_formal_charge 
_atom_site.auth_seq_id 
_atom_site.auth_comp_id 
_atom_site.auth_asym_id 
_atom_site.auth_atom_id 
_atom_site.pdbx_PDB_model_num 
ATOM   1   N N   . GLY A 1 1  ? 13.211  -7.549  -7.814  1.00 20.84 ? 1   GLY A N   1 
ATOM   2   C CA  . GLY A 1 1  ? 13.767  -6.197  -7.996  1.00 17.41 ? 1   GLY A CA  1 
ATOM   3   C C   . GLY A 1 1  ? 12.757  -5.133  -7.600  1.00 16.51 ? 1   GLY A C   1 
ATOM   4   O O   . GLY A 1 1  ? 11.616  -5.453  -7.230  1.00 14.07 ? 1   GLY A O   1 
ATOM   5   N N   . VAL A 1 2  ? 13.178  -3.870  -7.644  1.00 14.71 ? 2   VAL A N   1 
ATOM   6   C CA  . VAL A 1 2  ? 12.230  -2.771  -7.315  1.00 14.60 ? 2   VAL A CA  1 
ATOM   7   C C   . VAL A 1 2  ? 11.003  -2.767  -8.214  1.00 12.96 ? 2   VAL A C   1 
ATOM   8   O O   . VAL A 1 2  ? 9.904   -2.435  -7.802  1.00 11.63 ? 2   VAL A O   1 
ATOM   9   C CB  . VAL A 1 2  ? 12.923  -1.389  -7.362  1.00 16.41 ? 2   VAL A CB  1 
ATOM   10  C CG1 . VAL A 1 2  ? 13.432  -1.043  -8.739  1.00 17.18 ? 2   VAL A CG1 1 
ATOM   11  C CG2 . VAL A 1 2  ? 12.023  -0.278  -6.889  1.00 19.10 ? 2   VAL A CG2 1 
ATOM   12  N N   . GLY A 1 3  ? 11.184  -3.150  -9.462  1.00 11.62 ? 3   GLY A N   1 
ATOM   13  C CA  . GLY A 1 3  ? 10.059  -3.135  -10.367 1.00 12.54 ? 3   GLY A CA  1 
ATOM   14  C C   . GLY A 1 3  ? 8.992   -4.069  -9.873  1.00 12.70 ? 3   GLY A C   1 
ATOM   15  O O   . GLY A 1 3  ? 7.810   -3.716  -9.808  1.00 13.06 ? 3   GLY A O   1 
ATOM   16  N N   . ASP A 1 4  ? 9.365   -5.286  -9.512  1.00 13.06 ? 4   ASP A N   1 
ATOM   17  C CA  . ASP A 1 4  ? 8.354   -6.255  -9.054  1.00 13.89 ? 4   ASP A CA  1 
ATOM   18  C C   . ASP A 1 4  ? 7.775   -5.828  -7.678  1.00 13.43 ? 4   ASP A C   1 
ATOM   19  O O   . ASP A 1 4  ? 6.643   -6.158  -7.369  1.00 12.50 ? 4   ASP A O   1 
ATOM   20  C CB  . ASP A 1 4  ? 8.883   -7.715  -8.981  1.00 16.51 ? 4   ASP A CB  1 
ATOM   21  C CG  . ASP A 1 4  ? 9.094   -8.341  -10.315 1.00 19.47 ? 4   ASP A CG  1 
ATOM   22  O OD1 . ASP A 1 4  ? 8.704   -7.813  -11.348 1.00 21.54 ? 4   ASP A OD1 1 
ATOM   23  O OD2 . ASP A 1 4  ? 9.654   -9.463  -10.333 1.00 24.02 ? 4   ASP A OD2 1 
ATOM   24  N N   . LEU A 1 5  ? 8.581   -5.145  -6.875  1.00 12.52 ? 5   LEU A N   1 
ATOM   25  C CA  . LEU A 1 5  ? 8.132   -4.638  -5.538  1.00 12.50 ? 5   LEU A CA  1 
ATOM   26  C C   . LEU A 1 5  ? 6.961   -3.684  -5.789  1.00 12.12 ? 5   LEU A C   1 
ATOM   27  O O   . LEU A 1 5  ? 5.890   -3.815  -5.209  1.00 11.84 ? 5   LEU A O   1 
ATOM   28  C CB  . LEU A 1 5  ? 9.299   -3.959  -4.792  1.00 12.99 ? 5   LEU A CB  1 
ATOM   29  C CG  . LEU A 1 5  ? 8.967   -3.321  -3.473  1.00 13.98 ? 5   LEU A CG  1 
ATOM   30  C CD1 . LEU A 1 5  ? 8.398   -4.320  -2.485  1.00 14.49 ? 5   LEU A CD1 1 
ATOM   31  C CD2 . LEU A 1 5  ? 10.304  -2.760  -2.967  1.00 13.89 ? 5   LEU A CD2 1 
ATOM   32  N N   . ILE A 1 6  ? 7.134   -2.753  -6.726  1.00 11.83 ? 6   ILE A N   1 
ATOM   33  C CA  . ILE A 1 6  ? 6.094   -1.792  -7.012  1.00 12.41 ? 6   ILE A CA  1 
ATOM   34  C C   . ILE A 1 6  ? 4.900   -2.470  -7.681  1.00 12.43 ? 6   ILE A C   1 
ATOM   35  O O   . ILE A 1 6  ? 3.778   -2.154  -7.377  1.00 11.44 ? 6   ILE A O   1 
ATOM   36  C CB  . ILE A 1 6  ? 6.642   -0.614  -7.857  1.00 13.51 ? 6   ILE A CB  1 
ATOM   37  C CG1 . ILE A 1 6  ? 7.603   0.237   -6.997  1.00 15.50 ? 6   ILE A CG1 1 
ATOM   38  C CG2 . ILE A 1 6  ? 5.489   0.210   -8.432  1.00 14.99 ? 6   ILE A CG2 1 
ATOM   39  C CD1 . ILE A 1 6  ? 6.968   0.905   -5.799  1.00 17.25 ? 6   ILE A CD1 1 
ATOM   40  N N   . ARG A 1 7  ? 5.147   -3.432  -8.574  1.00 12.04 ? 7   ARG A N   1 
ATOM   41  C CA  . ARG A 1 7  ? 4.039   -4.260  -9.122  1.00 12.56 ? 7   ARG A CA  1 
ATOM   42  C C   . ARG A 1 7  ? 3.241   -4.927  -8.017  1.00 11.87 ? 7   ARG A C   1 
ATOM   43  O O   . ARG A 1 7  ? 1.983   -4.931  -8.024  1.00 11.46 ? 7   ARG A O   1 
ATOM   44  C CB  . ARG A 1 7  ? 4.579   -5.291  -10.129 1.00 11.42 ? 7   ARG A CB  1 
ATOM   45  C CG  . ARG A 1 7  ? 4.947   -4.630  -11.444 1.00 10.82 ? 7   ARG A CG  1 
ATOM   46  C CD  . ARG A 1 7  ? 5.753   -5.559  -12.368 1.00 10.80 ? 7   ARG A CD  1 
ATOM   47  N NE  . ARG A 1 7  ? 5.090   -6.843  -12.656 1.00 11.80 ? 7   ARG A NE  1 
ATOM   48  C CZ  . ARG A 1 7  ? 4.130   -7.035  -13.577 1.00 12.21 ? 7   ARG A CZ  1 
ATOM   49  N NH1 . ARG A 1 7  ? 3.765   -6.088  -14.405 1.00 11.88 ? 7   ARG A NH1 1 
ATOM   50  N NH2 . ARG A 1 7  ? 3.609   -8.205  -13.758 1.00 12.80 ? 7   ARG A NH2 1 
ATOM   51  N N   . LYS A 1 8  ? 3.919   -5.550  -7.068  1.00 12.36 ? 8   LYS A N   1 
ATOM   52  C CA  . LYS A 1 8  ? 3.228   -6.137  -5.943  1.00 14.13 ? 8   LYS A CA  1 
ATOM   53  C C   . LYS A 1 8  ? 2.496   -5.117  -5.113  1.00 12.26 ? 8   LYS A C   1 
ATOM   54  O O   . LYS A 1 8  ? 1.431   -5.422  -4.580  1.00 13.63 ? 8   LYS A O   1 
ATOM   55  C CB  . LYS A 1 8  ? 4.174   -6.896  -5.060  1.00 16.49 ? 8   LYS A CB  1 
ATOM   56  C CG  . LYS A 1 8  ? 3.451   -7.747  -4.008  1.00 20.98 ? 8   LYS A CG  1 
ATOM   57  C CD  . LYS A 1 8  ? 4.433   -8.722  -3.364  1.00 24.26 ? 8   LYS A CD  1 
ATOM   58  C CE  . LYS A 1 8  ? 4.616   -9.958  -4.269  1.00 26.88 ? 8   LYS A CE  1 
ATOM   59  N NZ  . LYS A 1 8  ? 3.763   -11.071 -3.771  1.00 28.95 ? 8   LYS A NZ  1 
ATOM   60  N N   . ALA A 1 9  ? 3.053   -3.942  -4.952  1.00 12.03 ? 9   ALA A N   1 
ATOM   61  C CA  . ALA A 1 9  ? 2.442   -2.875  -4.151  1.00 11.65 ? 9   ALA A CA  1 
ATOM   62  C C   . ALA A 1 9  ? 1.107   -2.510  -4.728  1.00 11.82 ? 9   ALA A C   1 
ATOM   63  O O   . ALA A 1 9  ? 0.147   -2.278  -4.001  1.00 12.20 ? 9   ALA A O   1 
ATOM   64  C CB  . ALA A 1 9  ? 3.374   -1.654  -4.160  1.00 12.20 ? 9   ALA A CB  1 
ATOM   65  N N   . VAL A 1 10 ? 1.036   -2.434  -6.056  1.00 11.14 ? 10  VAL A N   1 
ATOM   66  C CA  . VAL A 1 10 ? -0.232  -2.129  -6.714  1.00 11.42 ? 10  VAL A CA  1 
ATOM   67  C C   . VAL A 1 10 ? -1.210  -3.234  -6.370  1.00 11.74 ? 10  VAL A C   1 
ATOM   68  O O   . VAL A 1 10 ? -2.413  -2.950  -6.085  1.00 11.16 ? 10  VAL A O   1 
ATOM   69  C CB  . VAL A 1 10 ? -0.041  -2.040  -8.258  1.00 12.50 ? 10  VAL A CB  1 
ATOM   70  C CG1 . VAL A 1 10 ? -1.373  -2.045  -8.990  1.00 12.56 ? 10  VAL A CG1 1 
ATOM   71  C CG2 . VAL A 1 10 ? 0.753   -0.819  -8.603  1.00 12.85 ? 10  VAL A CG2 1 
ATOM   72  N N   . SER A 1 11 ? -0.796  -4.503  -6.472  1.00 10.08 ? 11  SER A N   1 
ATOM   73  C CA  . SER A 1 11 ? -1.711  -5.554  -6.050  1.00 11.04 ? 11  SER A CA  1 
ATOM   74  C C   . SER A 1 11 ? -2.213  -5.437  -4.625  1.00 11.37 ? 11  SER A C   1 
ATOM   75  O O   . SER A 1 11 ? -3.382  -5.664  -4.353  1.00 12.96 ? 11  SER A O   1 
ATOM   76  C CB  . SER A 1 11 ? -1.060  -6.911  -6.194  1.00 11.37 ? 11  SER A CB  1 
ATOM   77  O OG  . SER A 1 11 ? -0.743  -7.146  -7.588  1.00 13.28 ? 11  SER A OG  1 
ATOM   78  N N   . VAL A 1 12 ? -1.332  -5.082  -3.713  1.00 11.00 ? 12  VAL A N   1 
ATOM   79  C CA  . VAL A 1 12 ? -1.743  -4.911  -2.298  1.00 11.20 ? 12  VAL A CA  1 
ATOM   80  C C   . VAL A 1 12 ? -2.788  -3.789  -2.188  1.00 12.57 ? 12  VAL A C   1 
ATOM   81  O O   . VAL A 1 12 ? -3.823  -3.940  -1.513  1.00 11.23 ? 12  VAL A O   1 
ATOM   82  C CB  . VAL A 1 12 ? -0.511  -4.672  -1.412  1.00 11.28 ? 12  VAL A CB  1 
ATOM   83  C CG1 . VAL A 1 12 ? -0.923  -4.224  -0.016  1.00 10.86 ? 12  VAL A CG1 1 
ATOM   84  C CG2 . VAL A 1 12 ? 0.306   -5.918  -1.334  1.00 11.09 ? 12  VAL A CG2 1 
ATOM   85  N N   . ILE A 1 13 ? -2.511  -2.664  -2.837  1.00 13.64 ? 13  ILE A N   1 
ATOM   86  C CA  . ILE A 1 13 ? -3.406  -1.514  -2.773  1.00 15.00 ? 13  ILE A CA  1 
ATOM   87  C C   . ILE A 1 13 ? -4.786  -1.927  -3.349  1.00 16.12 ? 13  ILE A C   1 
ATOM   88  O O   . ILE A 1 13 ? -5.821  -1.581  -2.784  1.00 15.61 ? 13  ILE A O   1 
ATOM   89  C CB  . ILE A 1 13 ? -2.809  -0.313  -3.556  1.00 15.82 ? 13  ILE A CB  1 
ATOM   90  C CG1 . ILE A 1 13 ? -1.588  0.236   -2.827  1.00 16.81 ? 13  ILE A CG1 1 
ATOM   91  C CG2 . ILE A 1 13 ? -3.849  0.763   -3.807  1.00 16.27 ? 13  ILE A CG2 1 
ATOM   92  C CD1 . ILE A 1 13 ? -0.867  1.265   -3.640  1.00 17.61 ? 13  ILE A CD1 1 
ATOM   93  N N   . LYS A 1 14 ? -4.816  -2.749  -4.393  1.00 15.97 ? 14  LYS A N   1 
ATOM   94  C CA  . LYS A 1 14 ? -6.053  -3.178  -5.034  1.00 17.27 ? 14  LYS A CA  1 
ATOM   95  C C   . LYS A 1 14 ? -6.860  -4.129  -4.162  1.00 17.33 ? 14  LYS A C   1 
ATOM   96  O O   . LYS A 1 14 ? -8.035  -4.477  -4.532  1.00 19.27 ? 14  LYS A O   1 
ATOM   97  C CB  . LYS A 1 14 ? -5.758  -4.033  -6.301  1.00 19.72 ? 14  LYS A CB  1 
ATOM   98  C CG  . LYS A 1 14 ? -5.456  -3.277  -7.531  1.00 21.01 ? 14  LYS A CG  1 
ATOM   99  C CD  . LYS A 1 14 ? -5.071  -4.266  -8.595  1.00 20.49 ? 14  LYS A CD  1 
ATOM   100 C CE  . LYS A 1 14 ? -6.292  -4.990  -9.137  1.00 22.17 ? 14  LYS A CE  1 
ATOM   101 N NZ  . LYS A 1 14 ? -6.162  -5.191  -10.597 1.00 22.74 ? 14  LYS A NZ  1 
ATOM   102 N N   . ASN A 1 15 ? -6.204  -4.685  -3.112  1.00 14.53 ? 15  ASN A N   1 
ATOM   103 C CA  . ASN A 1 15 ? -6.880  -5.607  -2.212  1.00 15.95 ? 15  ASN A CA  1 
ATOM   104 C C   . ASN A 1 15 ? -7.086  -5.062  -0.856  1.00 15.18 ? 15  ASN A C   1 
ATOM   105 O O   . ASN A 1 15 ? -7.684  -5.726  -0.039  1.00 17.38 ? 15  ASN A O   1 
ATOM   106 C CB  . ASN A 1 15 ? -6.149  -6.932  -2.157  1.00 15.88 ? 15  ASN A CB  1 
ATOM   107 C CG  . ASN A 1 15 ? -6.373  -7.733  -3.414  1.00 16.12 ? 15  ASN A CG  1 
ATOM   108 O OD1 . ASN A 1 15 ? -7.459  -8.208  -3.662  1.00 15.65 ? 15  ASN A OD1 1 
ATOM   109 N ND2 . ASN A 1 15 ? -5.351  -7.797  -4.251  1.00 15.53 ? 15  ASN A ND2 1 
ATOM   110 N N   . ILE A 1 16 ? -6.715  -3.788  -0.648  1.00 15.14 ? 16  ILE A N   1 
ATOM   111 C CA  . ILE A 1 16 ? -6.629  -3.219  0.691   1.00 15.74 ? 16  ILE A CA  1 
ATOM   112 C C   . ILE A 1 16 ? -7.985  -2.795  1.242   1.00 16.70 ? 16  ILE A C   1 
ATOM   113 O O   . ILE A 1 16 ? -8.122  -2.633  2.460   1.00 17.90 ? 16  ILE A O   1 
ATOM   114 C CB  . ILE A 1 16 ? -5.599  -2.056  0.706   1.00 16.15 ? 16  ILE A CB  1 
ATOM   115 C CG1 . ILE A 1 16 ? -5.037  -1.902  2.137   1.00 16.48 ? 16  ILE A CG1 1 
ATOM   116 C CG2 . ILE A 1 16 ? -6.221  -0.752  0.242   1.00 15.51 ? 16  ILE A CG2 1 
ATOM   117 C CD1 . ILE A 1 16 ? -3.838  -0.968  2.240   1.00 17.50 ? 16  ILE A CD1 1 
ATOM   118 N N   . VAL A 1 17 ? -8.967  -2.624  0.365   1.00 17.71 ? 17  VAL A N   1 
ATOM   119 C CA  . VAL A 1 17 ? -10.342 -2.287  0.749   1.00 19.58 ? 17  VAL A CA  1 
ATOM   120 C C   . VAL A 1 17 ? -11.184 -3.533  0.615   1.00 22.21 ? 17  VAL A C   1 
ATOM   121 O O   . VAL A 1 17 ? -12.068 -3.737  1.420   1.00 23.39 ? 17  VAL A O   1 
ATOM   122 C CB  . VAL A 1 17 ? -10.897 -1.196  -0.150  1.00 19.82 ? 17  VAL A CB  1 
ATOM   123 C CG1 . VAL A 1 17 ? -12.342 -0.861  0.174   1.00 21.22 ? 17  VAL A CG1 1 
ATOM   124 C CG2 . VAL A 1 17 ? -10.062 0.066   -0.012  1.00 20.24 ? 17  VAL A CG2 1 
ATOM   125 O OXT . VAL A 1 17 ? -10.985 -4.380  -0.288  1.00 20.62 ? 17  VAL A OXT 1 
ATOM   126 N N   A GLY B 1 1  ? -10.638 5.702   13.200  0.50 12.42 ? 1   GLY B N   1 
ATOM   127 N N   B GLY B 1 1  ? -12.019 4.757   12.938  0.50 13.98 ? 1   GLY B N   1 
ATOM   128 C CA  A GLY B 1 1  ? -11.234 4.379   12.978  0.50 12.54 ? 1   GLY B CA  1 
ATOM   129 C CA  B GLY B 1 1  ? -10.552 4.477   12.983  0.50 13.53 ? 1   GLY B CA  1 
ATOM   130 C C   A GLY B 1 1  ? -10.387 3.656   11.964  0.50 12.79 ? 1   GLY B C   1 
ATOM   131 C C   B GLY B 1 1  ? -10.117 3.533   11.880  0.50 12.89 ? 1   GLY B C   1 
ATOM   132 O O   A GLY B 1 1  ? -9.287  4.046   11.669  0.50 14.10 ? 1   GLY B O   1 
ATOM   133 O O   B GLY B 1 1  ? -8.955  3.596   11.421  0.50 13.32 ? 1   GLY B O   1 
ATOM   134 N N   . VAL B 1 2  ? -10.987 2.617   11.415  1.00 12.35 ? 2   VAL B N   1 
ATOM   135 C CA  . VAL B 1 2  ? -10.394 1.671   10.487  1.00 12.40 ? 2   VAL B CA  1 
ATOM   136 C C   . VAL B 1 2  ? -9.930  2.330   9.194   1.00 12.81 ? 2   VAL B C   1 
ATOM   137 O O   . VAL B 1 2  ? -8.861  2.032   8.686   1.00 12.11 ? 2   VAL B O   1 
ATOM   138 C CB  . VAL B 1 2  ? -11.371 0.509   10.180  1.00 14.00 ? 2   VAL B CB  1 
ATOM   139 C CG1 . VAL B 1 2  ? -10.751 -0.505  9.220   1.00 15.36 ? 2   VAL B CG1 1 
ATOM   140 C CG2 . VAL B 1 2  ? -11.772 -0.144  11.497  1.00 14.44 ? 2   VAL B CG2 1 
ATOM   141 N N   . GLY B 1 3  ? -10.700 3.306   8.734   1.00 11.54 ? 3   GLY B N   1 
ATOM   142 C CA  . GLY B 1 3  ? -10.407 3.866   7.412   1.00 12.33 ? 3   GLY B CA  1 
ATOM   143 C C   . GLY B 1 3  ? -9.096  4.600   7.431   1.00 12.22 ? 3   GLY B C   1 
ATOM   144 O O   . GLY B 1 3  ? -8.335  4.567   6.450   1.00 10.80 ? 3   GLY B O   1 
ATOM   145 N N   . ASP B 1 4  ? -8.815  5.272   8.561   1.00 11.56 ? 4   ASP B N   1 
ATOM   146 C CA  . ASP B 1 4  ? -7.569  6.025   8.669   1.00 12.60 ? 4   ASP B CA  1 
ATOM   147 C C   . ASP B 1 4  ? -6.397  5.078   8.613   1.00 11.91 ? 4   ASP B C   1 
ATOM   148 O O   . ASP B 1 4  ? -5.334  5.451   8.129   1.00 11.94 ? 4   ASP B O   1 
ATOM   149 C CB  . ASP B 1 4  ? -7.541  6.854   9.940   1.00 15.11 ? 4   ASP B CB  1 
ATOM   150 C CG  . ASP B 1 4  ? -8.274  8.173   9.816   1.00 17.28 ? 4   ASP B CG  1 
ATOM   151 O OD1 . ASP B 1 4  ? -8.816  8.532   8.740   1.00 18.76 ? 4   ASP B OD1 1 
ATOM   152 O OD2 . ASP B 1 4  ? -8.294  8.889   10.852  1.00 22.42 ? 4   ASP B OD2 1 
ATOM   153 N N   . LEU B 1 5  ? -6.575  3.880   9.175   1.00 10.07 ? 5   LEU B N   1 
ATOM   154 C CA  . LEU B 1 5  ? -5.491  2.877   9.125   1.00 10.73 ? 5   LEU B CA  1 
ATOM   155 C C   . LEU B 1 5  ? -5.232  2.425   7.689   1.00 10.10 ? 5   LEU B C   1 
ATOM   156 O O   . LEU B 1 5  ? -4.073  2.240   7.259   1.00 9.89  ? 5   LEU B O   1 
ATOM   157 C CB  . LEU B 1 5  ? -5.850  1.656   9.992   1.00 10.66 ? 5   LEU B CB  1 
ATOM   158 C CG  . LEU B 1 5  ? -6.022  1.964   11.472  1.00 11.05 ? 5   LEU B CG  1 
ATOM   159 C CD1 . LEU B 1 5  ? -6.527  0.751   12.231  1.00 11.70 ? 5   LEU B CD1 1 
ATOM   160 C CD2 . LEU B 1 5  ? -4.739  2.482   12.092  1.00 11.38 ? 5   LEU B CD2 1 
ATOM   161 N N   . ILE B 1 6  ? -6.296  2.213   6.917   1.00 9.75  ? 6   ILE B N   1 
ATOM   162 C CA  . ILE B 1 6  ? -6.089  1.829   5.520   1.00 10.82 ? 6   ILE B CA  1 
ATOM   163 C C   . ILE B 1 6  ? -5.431  2.923   4.711   1.00 10.73 ? 6   ILE B C   1 
ATOM   164 O O   . ILE B 1 6  ? -4.537  2.662   3.858   1.00 10.54 ? 6   ILE B O   1 
ATOM   165 C CB  . ILE B 1 6  ? -7.424  1.415   4.888   1.00 11.57 ? 6   ILE B CB  1 
ATOM   166 C CG1 . ILE B 1 6  ? -7.910  0.133   5.580   1.00 15.04 ? 6   ILE B CG1 1 
ATOM   167 C CG2 . ILE B 1 6  ? -7.245  1.215   3.391   1.00 11.69 ? 6   ILE B CG2 1 
ATOM   168 C CD1 . ILE B 1 6  ? -9.294  -0.294  5.171   1.00 15.31 ? 6   ILE B CD1 1 
ATOM   169 N N   . ARG B 1 7  ? -5.862  4.156   4.938   1.00 10.67 ? 7   ARG B N   1 
ATOM   170 C CA  . ARG B 1 7  ? -5.228  5.293   4.263   1.00 10.34 ? 7   ARG B CA  1 
ATOM   171 C C   . ARG B 1 7  ? -3.792  5.454   4.627   1.00 10.86 ? 7   ARG B C   1 
ATOM   172 O O   . ARG B 1 7  ? -2.994  5.756   3.785   1.00 10.62 ? 7   ARG B O   1 
ATOM   173 C CB  . ARG B 1 7  ? -6.035  6.550   4.614   1.00 10.90 ? 7   ARG B CB  1 
ATOM   174 C CG  . ARG B 1 7  ? -7.404  6.531   3.936   1.00 11.11 ? 7   ARG B CG  1 
ATOM   175 C CD  . ARG B 1 7  ? -8.357  7.565   4.476   1.00 12.05 ? 7   ARG B CD  1 
ATOM   176 N NE  . ARG B 1 7  ? -7.803  8.934   4.542   1.00 13.65 ? 7   ARG B NE  1 
ATOM   177 C CZ  . ARG B 1 7  ? -7.911  9.830   3.554   1.00 12.99 ? 7   ARG B CZ  1 
ATOM   178 N NH1 . ARG B 1 7  ? -8.562  9.498   2.459   1.00 14.57 ? 7   ARG B NH1 1 
ATOM   179 N NH2 . ARG B 1 7  ? -7.405  11.033  3.686   1.00 13.25 ? 7   ARG B NH2 1 
ATOM   180 N N   . LYS B 1 8  ? -3.457  5.274   5.910   1.00 10.49 ? 8   LYS B N   1 
ATOM   181 C CA  . LYS B 1 8  ? -2.066  5.365   6.350   1.00 12.05 ? 8   LYS B CA  1 
ATOM   182 C C   . LYS B 1 8  ? -1.267  4.237   5.697   1.00 10.69 ? 8   LYS B C   1 
ATOM   183 O O   . LYS B 1 8  ? -0.126  4.426   5.286   1.00 12.01 ? 8   LYS B O   1 
ATOM   184 C CB  . LYS B 1 8  ? -1.971  5.229   7.842   1.00 14.23 ? 8   LYS B CB  1 
ATOM   185 C CG  . LYS B 1 8  ? -0.568  5.397   8.430   1.00 18.73 ? 8   LYS B CG  1 
ATOM   186 C CD  . LYS B 1 8  ? -0.641  5.483   9.957   1.00 21.05 ? 8   LYS B CD  1 
ATOM   187 C CE  . LYS B 1 8  ? -0.164  6.862   10.409  1.00 25.04 ? 8   LYS B CE  1 
ATOM   188 N NZ  . LYS B 1 8  ? 1.327   7.018   10.508  1.00 27.89 ? 8   LYS B NZ  1 
ATOM   189 N N   . ALA B 1 9  ? -1.831  3.036   5.662   1.00 10.41 ? 9   ALA B N   1 
ATOM   190 C CA  . ALA B 1 9  ? -1.162  1.943   4.957   1.00 10.05 ? 9   ALA B CA  1 
ATOM   191 C C   . ALA B 1 9  ? -0.777  2.248   3.534   1.00 9.68  ? 9   ALA B C   1 
ATOM   192 O O   . ALA B 1 9  ? 0.324   1.877   3.081   1.00 10.31 ? 9   ALA B O   1 
ATOM   193 C CB  . ALA B 1 9  ? -2.000  0.704   4.983   1.00 10.08 ? 9   ALA B CB  1 
ATOM   194 N N   . VAL B 1 10 ? -1.654  2.911   2.805   1.00 9.63  ? 10  VAL B N   1 
ATOM   195 C CA  . VAL B 1 10 ? -1.289  3.269   1.422   1.00 9.41  ? 10  VAL B CA  1 
ATOM   196 C C   . VAL B 1 10 ? -0.058  4.212   1.449   1.00 9.14  ? 10  VAL B C   1 
ATOM   197 O O   . VAL B 1 10 ? 0.865   4.062   0.654   1.00 8.74  ? 10  VAL B O   1 
ATOM   198 C CB  . VAL B 1 10 ? -2.466  3.949   0.772   1.00 10.43 ? 10  VAL B CB  1 
ATOM   199 C CG1 . VAL B 1 10 ? -2.125  4.581   -0.579  1.00 12.11 ? 10  VAL B CG1 1 
ATOM   200 C CG2 . VAL B 1 10 ? -3.632  2.962   0.645   1.00 11.26 ? 10  VAL B CG2 1 
ATOM   201 N N   . SER B 1 11 ? 0.008   5.164   2.410   1.00 9.62  ? 11  SER B N   1 
ATOM   202 C CA  . SER B 1 11 ? 1.180   6.064   2.491   1.00 10.28 ? 11  SER B CA  1 
ATOM   203 C C   . SER B 1 11 ? 2.427   5.258   2.804   1.00 10.45 ? 11  SER B C   1 
ATOM   204 O O   . SER B 1 11 ? 3.491   5.541   2.280   1.00 10.91 ? 11  SER B O   1 
ATOM   205 C CB  . SER B 1 11 ? 0.965   7.176   3.545   1.00 10.05 ? 11  SER B CB  1 
ATOM   206 O OG  . SER B 1 11 ? -0.290  7.798   3.290   1.00 11.75 ? 11  SER B OG  1 
ATOM   207 N N   . VAL B 1 12 ? 2.271   4.241   3.649   1.00 10.88 ? 12  VAL B N   1 
ATOM   208 C CA  . VAL B 1 12 ? 3.386   3.477   4.093   1.00 11.12 ? 12  VAL B CA  1 
ATOM   209 C C   . VAL B 1 12 ? 3.990   2.757   2.925   1.00 10.70 ? 12  VAL B C   1 
ATOM   210 O O   . VAL B 1 12 ? 5.253   2.674   2.797   1.00 9.88  ? 12  VAL B O   1 
ATOM   211 C CB  . VAL B 1 12 ? 2.990   2.449   5.173   1.00 11.49 ? 12  VAL B CB  1 
ATOM   212 C CG1 . VAL B 1 12 ? 4.140   1.475   5.390   1.00 11.91 ? 12  VAL B CG1 1 
ATOM   213 C CG2 . VAL B 1 12 ? 2.690   3.206   6.472   1.00 11.95 ? 12  VAL B CG2 1 
ATOM   214 N N   . ILE B 1 13 ? 3.082   2.213   2.115   1.00 10.09 ? 13  ILE B N   1 
ATOM   215 C CA  . ILE B 1 13 ? 3.492   1.483   0.944   1.00 10.40 ? 13  ILE B CA  1 
ATOM   216 C C   . ILE B 1 13 ? 4.243   2.380   -0.028  1.00 10.35 ? 13  ILE B C   1 
ATOM   217 O O   . ILE B 1 13 ? 5.215   1.955   -0.692  1.00 11.91 ? 13  ILE B O   1 
ATOM   218 C CB  . ILE B 1 13 ? 2.239   0.941   0.262   1.00 11.24 ? 13  ILE B CB  1 
ATOM   219 C CG1 . ILE B 1 13 ? 1.635   -0.171  1.095   1.00 12.17 ? 13  ILE B CG1 1 
ATOM   220 C CG2 . ILE B 1 13 ? 2.581   0.501   -1.158  1.00 12.36 ? 13  ILE B CG2 1 
ATOM   221 C CD1 . ILE B 1 13 ? 0.276   -0.598  0.572   1.00 12.95 ? 13  ILE B CD1 1 
ATOM   222 N N   . LYS B 1 14 ? 3.758   3.593   -0.175  1.00 9.11  ? 14  LYS B N   1 
ATOM   223 C CA  . LYS B 1 14 ? 4.421   4.585   -1.034  1.00 11.27 ? 14  LYS B CA  1 
ATOM   224 C C   . LYS B 1 14 ? 5.763   5.156   -0.568  1.00 11.47 ? 14  LYS B C   1 
ATOM   225 O O   . LYS B 1 14 ? 6.423   5.958   -1.286  1.00 10.49 ? 14  LYS B O   1 
ATOM   226 C CB  . LYS B 1 14 ? 3.485   5.733   -1.247  1.00 12.62 ? 14  LYS B CB  1 
ATOM   227 C CG  . LYS B 1 14 ? 2.361   5.321   -2.175  1.00 13.57 ? 14  LYS B CG  1 
ATOM   228 C CD  . LYS B 1 14 ? 1.290   6.365   -2.256  1.00 14.67 ? 14  LYS B CD  1 
ATOM   229 C CE  . LYS B 1 14 ? 1.794   7.596   -3.007  1.00 15.87 ? 14  LYS B CE  1 
ATOM   230 N NZ  . LYS B 1 14 ? 0.638   8.475   -3.363  1.00 19.58 ? 14  LYS B NZ  1 
ATOM   231 N N   . ASN B 1 15 ? 6.157   4.840   0.643   1.00 11.78 ? 15  ASN B N   1 
ATOM   232 C CA  . ASN B 1 15 ? 7.480   5.257   1.169   1.00 13.85 ? 15  ASN B CA  1 
ATOM   233 C C   . ASN B 1 15 ? 8.486   4.147   1.378   1.00 14.72 ? 15  ASN B C   1 
ATOM   234 O O   . ASN B 1 15 ? 9.497   4.358   2.013   1.00 17.75 ? 15  ASN B O   1 
ATOM   235 C CB  . ASN B 1 15 ? 7.340   6.055   2.439   1.00 14.86 ? 15  ASN B CB  1 
ATOM   236 C CG  . ASN B 1 15 ? 6.755   7.411   2.200   1.00 14.56 ? 15  ASN B CG  1 
ATOM   237 O OD1 . ASN B 1 15 ? 5.606   7.652   2.564   1.00 18.25 ? 15  ASN B OD1 1 
ATOM   238 N ND2 . ASN B 1 15 ? 7.474   8.257   1.517   1.00 12.47 ? 15  ASN B ND2 1 
ATOM   239 N N   . ILE B 1 16 ? 8.232   2.990   0.768   1.00 13.24 ? 16  ILE B N   1 
ATOM   240 C CA  . ILE B 1 16 ? 9.212   1.887   0.786   1.00 12.71 ? 16  ILE B CA  1 
ATOM   241 C C   . ILE B 1 16 ? 10.363  2.118   -0.207  1.00 12.86 ? 16  ILE B C   1 
ATOM   242 O O   . ILE B 1 16 ? 11.560  2.051   0.121   1.00 15.01 ? 16  ILE B O   1 
ATOM   243 C CB  . ILE B 1 16 ? 8.504   0.560   0.499   1.00 12.31 ? 16  ILE B CB  1 
ATOM   244 C CG1 . ILE B 1 16 ? 7.522   0.242   1.634   1.00 12.85 ? 16  ILE B CG1 1 
ATOM   245 C CG2 . ILE B 1 16 ? 9.516   -0.564  0.325   1.00 12.57 ? 16  ILE B CG2 1 
ATOM   246 C CD1 . ILE B 1 16 ? 6.636   -0.965  1.376   1.00 14.44 ? 16  ILE B CD1 1 
ATOM   247 N N   . VAL B 1 17 ? 10.010  2.444   -1.419  1.00 13.24 ? 17  VAL B N   1 
ATOM   248 C CA  . VAL B 1 17 ? 10.963  2.713   -2.478  1.00 13.86 ? 17  VAL B CA  1 
ATOM   249 C C   . VAL B 1 17 ? 11.418  4.180   -2.413  1.00 14.79 ? 17  VAL B C   1 
ATOM   250 O O   . VAL B 1 17 ? 10.645  5.089   -2.084  1.00 14.11 ? 17  VAL B O   1 
ATOM   251 C CB  . VAL B 1 17 ? 10.394  2.339   -3.871  1.00 13.80 ? 17  VAL B CB  1 
ATOM   252 C CG1 . VAL B 1 17 ? 11.449  2.563   -4.944  1.00 14.48 ? 17  VAL B CG1 1 
ATOM   253 C CG2 . VAL B 1 17 ? 9.992   0.863   -3.953  1.00 15.32 ? 17  VAL B CG2 1 
ATOM   254 O OXT . VAL B 1 17 ? 12.596  4.491   -2.633  1.00 15.61 ? 17  VAL B OXT 1 
HETATM 255 S S   . SCN C 2 .  ? -5.074  -8.411  -9.300  1.00 25.46 ? 101 SCN A S   1 
HETATM 256 C C   . SCN C 2 .  ? -3.544  -7.685  -9.470  1.00 19.15 ? 101 SCN A C   1 
HETATM 257 N N   . SCN C 2 .  ? -2.469  -7.248  -9.623  1.00 13.15 ? 101 SCN A N   1 
HETATM 258 K K   . K   D 3 .  ? 8.615   6.264   -2.426  1.00 38.77 ? 101 K   B K   1 
HETATM 259 K K   . K   E 3 .  ? -5.992  9.687   6.906   1.00 43.99 ? 102 K   B K   1 
HETATM 260 O O   . HOH F 4 .  ? 9.296   -5.858  -12.543 1.00 24.76 ? 201 HOH A O   1 
HETATM 261 O O   . HOH F 4 .  ? 9.927   -11.191 -11.954 1.00 22.42 ? 202 HOH A O   1 
HETATM 262 O O   . HOH F 4 .  ? -9.201  -8.874  -1.819  1.00 27.50 ? 203 HOH A O   1 
HETATM 263 O O   . HOH F 4 .  ? -10.485 -4.693  -3.517  1.00 22.27 ? 204 HOH A O   1 
HETATM 264 O O   . HOH F 4 .  ? -8.485  -1.793  -3.088  1.00 28.78 ? 205 HOH A O   1 
HETATM 265 O O   . HOH F 4 .  ? 15.963  -3.901  -7.759  1.00 13.62 ? 206 HOH A O   1 
HETATM 266 O O   . HOH F 4 .  ? -4.005  -5.928  0.538   1.00 14.34 ? 207 HOH A O   1 
HETATM 267 O O   . HOH F 4 .  ? -10.198 -7.329  -0.059  1.00 27.49 ? 208 HOH A O   1 
HETATM 268 O O   . HOH F 4 .  ? -9.594  -1.882  -5.515  1.00 25.23 ? 209 HOH A O   1 
HETATM 269 O O   . HOH F 4 .  ? -2.519  -8.711  -2.877  1.00 22.86 ? 210 HOH A O   1 
HETATM 270 O O   . HOH F 4 .  ? -8.484  -8.931  0.529   1.00 23.25 ? 211 HOH A O   1 
HETATM 271 O O   . HOH G 4 .  ? -10.404 7.670   7.154   1.00 19.92 ? 201 HOH B O   1 
HETATM 272 O O   . HOH G 4 .  ? 7.132   2.813   4.508   1.00 17.80 ? 202 HOH B O   1 
HETATM 273 O O   . HOH G 4 .  ? -9.005  11.298  11.396  1.00 18.70 ? 203 HOH B O   1 
HETATM 274 O O   . HOH G 4 .  ? 7.320   2.658   -2.227  1.00 13.16 ? 204 HOH B O   1 
HETATM 275 O O   . HOH G 4 .  ? 4.152   7.071   5.690   1.00 22.77 ? 205 HOH B O   1 
# 
